data_8A0U
#
_entry.id   8A0U
#
_cell.length_a   65.265
_cell.length_b   128.607
_cell.length_c   156.107
_cell.angle_alpha   90
_cell.angle_beta   90
_cell.angle_gamma   90
#
_symmetry.space_group_name_H-M   'P 21 21 21'
#
loop_
_entity.id
_entity.type
_entity.pdbx_description
1 polymer 'Transcriptional enhancer factor TEF-5'
2 non-polymer 'MYRISTIC ACID'
3 non-polymer 2-[(2~{S})-2-(aminomethyl)-5-chloranyl-2-phenyl-3~{H}-1-benzofuran-4-yl]benzamide
4 non-polymer 'PHOSPHATE ION'
5 water water
#
_entity_poly.entity_id   1
_entity_poly.type   'polypeptide(L)'
_entity_poly.pdbx_seq_one_letter_code
;GPGRTIASSRLRLLEYSAFMEVQRDPDTYSKHLFVHIGQTNPAFSDPPLEAVDVRQIYDKFPEKKGGLKELYEKGPPNAF
FLVKFWADLNSTIQEGPGAFYGVSSQYSSADSMTISVSTKVCSFGKQVVEKVETEYARLENGRFVYRIHRSPMCEYMINF
IHKLKHLPEKYMMNSVLENFTILQVVTSRDSQETLLVIAFVFEVSTSEHGAQHHVYKLVKDG
;
_entity_poly.pdbx_strand_id   A,B,C,D
#
# COMPACT_ATOMS: atom_id res chain seq x y z
N THR A 5 18.58 9.07 7.65
CA THR A 5 18.02 7.79 8.12
C THR A 5 17.68 7.78 9.63
N ILE A 6 16.39 7.54 9.94
CA ILE A 6 15.88 7.41 11.32
C ILE A 6 15.71 5.93 11.56
N ALA A 7 16.52 5.35 12.43
CA ALA A 7 16.44 3.93 12.75
C ALA A 7 17.01 3.64 14.12
N SER A 8 16.33 2.80 14.88
CA SER A 8 16.80 2.35 16.16
C SER A 8 17.36 0.93 15.96
N SER A 9 17.75 0.24 17.05
CA SER A 9 18.25 -1.12 16.95
C SER A 9 17.15 -2.11 16.48
N ARG A 10 15.87 -1.74 16.70
CA ARG A 10 14.68 -2.55 16.42
C ARG A 10 13.77 -2.15 15.24
N LEU A 11 13.57 -0.84 15.00
CA LEU A 11 12.69 -0.39 13.91
C LEU A 11 13.37 0.67 13.05
N ARG A 12 13.01 0.76 11.76
CA ARG A 12 13.58 1.76 10.86
C ARG A 12 12.48 2.50 10.10
N LEU A 13 12.37 3.84 10.24
CA LEU A 13 11.38 4.57 9.45
C LEU A 13 11.84 4.57 7.98
N LEU A 14 11.06 3.99 7.04
CA LEU A 14 11.45 4.00 5.62
C LEU A 14 10.98 5.28 4.92
N GLU A 15 9.68 5.54 4.91
CA GLU A 15 9.12 6.71 4.27
C GLU A 15 8.06 7.39 5.16
N TYR A 16 7.88 8.69 4.99
CA TYR A 16 6.86 9.44 5.72
C TYR A 16 6.45 10.63 4.86
N SER A 17 5.15 10.89 4.65
CA SER A 17 4.72 12.08 3.92
C SER A 17 3.31 12.52 4.32
N ALA A 18 3.15 13.80 4.59
CA ALA A 18 1.85 14.39 4.90
C ALA A 18 1.50 15.17 3.63
N PHE A 19 0.27 15.02 3.13
CA PHE A 19 -0.11 15.61 1.86
C PHE A 19 -1.58 15.94 1.79
N MET A 20 -1.98 16.65 0.75
CA MET A 20 -3.39 16.87 0.40
C MET A 20 -3.62 16.45 -1.07
N GLU A 21 -4.82 15.93 -1.38
CA GLU A 21 -5.20 15.45 -2.71
C GLU A 21 -6.53 16.04 -3.16
N VAL A 22 -6.59 16.52 -4.41
CA VAL A 22 -7.80 17.09 -4.99
C VAL A 22 -8.14 16.38 -6.32
N GLN A 23 -9.42 16.24 -6.67
CA GLN A 23 -9.85 15.57 -7.89
C GLN A 23 -10.33 16.58 -8.96
N ARG A 24 -9.39 17.21 -9.68
CA ARG A 24 -9.66 18.21 -10.73
C ARG A 24 -10.80 17.81 -11.75
N ASP A 25 -10.95 16.49 -12.05
CA ASP A 25 -11.99 15.86 -12.88
C ASP A 25 -12.01 14.34 -12.58
N PRO A 26 -12.88 13.47 -13.17
CA PRO A 26 -12.89 12.04 -12.75
C PRO A 26 -11.64 11.25 -13.13
N ASP A 27 -10.83 11.79 -14.05
CA ASP A 27 -9.57 11.17 -14.43
C ASP A 27 -8.34 11.93 -13.96
N THR A 28 -8.49 13.09 -13.33
CA THR A 28 -7.34 13.88 -12.88
C THR A 28 -7.31 14.08 -11.37
N TYR A 29 -6.16 13.84 -10.79
CA TYR A 29 -5.94 14.01 -9.37
C TYR A 29 -4.68 14.84 -9.21
N SER A 30 -4.69 15.78 -8.25
CA SER A 30 -3.50 16.57 -7.95
C SER A 30 -3.10 16.33 -6.52
N LYS A 31 -1.80 16.20 -6.27
CA LYS A 31 -1.31 15.96 -4.91
C LYS A 31 -0.21 16.94 -4.47
N HIS A 32 -0.43 17.66 -3.38
CA HIS A 32 0.55 18.59 -2.83
C HIS A 32 1.12 18.00 -1.56
N LEU A 33 2.44 17.95 -1.43
CA LEU A 33 3.10 17.41 -0.24
C LEU A 33 3.44 18.52 0.74
N PHE A 34 2.97 18.43 1.98
CA PHE A 34 3.32 19.42 2.99
C PHE A 34 4.75 19.12 3.47
N VAL A 35 5.02 17.85 3.84
CA VAL A 35 6.31 17.35 4.33
C VAL A 35 6.58 15.97 3.68
N HIS A 36 7.84 15.56 3.62
N HIS A 36 7.85 15.55 3.61
CA HIS A 36 8.23 14.27 3.04
CA HIS A 36 8.24 14.28 3.00
C HIS A 36 9.60 13.80 3.47
C HIS A 36 9.60 13.80 3.51
N ILE A 37 9.73 12.50 3.72
CA ILE A 37 10.96 11.81 4.10
C ILE A 37 10.94 10.57 3.19
N GLY A 38 11.84 10.51 2.21
CA GLY A 38 11.88 9.37 1.30
C GLY A 38 12.87 8.30 1.74
N GLN A 39 13.24 7.37 0.84
CA GLN A 39 14.22 6.33 1.17
C GLN A 39 15.64 6.67 0.65
N ASP A 46 24.39 5.58 4.98
CA ASP A 46 23.66 6.24 6.06
C ASP A 46 24.53 7.33 6.72
N PRO A 47 24.24 8.62 6.46
CA PRO A 47 25.08 9.68 7.04
C PRO A 47 25.02 9.75 8.57
N PRO A 48 26.09 10.27 9.21
CA PRO A 48 26.06 10.41 10.66
C PRO A 48 25.09 11.52 11.04
N LEU A 49 24.52 11.42 12.23
CA LEU A 49 23.56 12.41 12.67
C LEU A 49 24.12 13.34 13.72
N GLU A 50 23.80 14.63 13.61
CA GLU A 50 24.17 15.66 14.57
C GLU A 50 23.25 15.53 15.76
N ALA A 51 23.77 15.73 16.96
CA ALA A 51 22.96 15.57 18.17
C ALA A 51 22.31 16.84 18.71
N VAL A 52 21.15 16.67 19.37
CA VAL A 52 20.39 17.73 20.04
C VAL A 52 20.09 17.20 21.43
N ASP A 53 20.41 17.99 22.46
CA ASP A 53 20.11 17.57 23.82
C ASP A 53 18.59 17.60 24.03
N VAL A 54 18.02 16.45 24.44
CA VAL A 54 16.59 16.22 24.67
C VAL A 54 15.98 17.21 25.66
N ARG A 55 16.77 17.70 26.63
CA ARG A 55 16.26 18.65 27.60
C ARG A 55 15.87 20.00 27.01
N GLN A 56 16.38 20.33 25.81
CA GLN A 56 16.05 21.59 25.15
C GLN A 56 14.63 21.60 24.55
N ILE A 57 14.05 20.41 24.31
CA ILE A 57 12.72 20.32 23.72
C ILE A 57 11.64 19.94 24.74
N TYR A 58 12.03 19.46 25.94
CA TYR A 58 11.11 19.06 27.03
C TYR A 58 9.91 20.02 27.25
N ASP A 59 10.18 21.34 27.33
CA ASP A 59 9.18 22.38 27.54
C ASP A 59 8.02 22.34 26.54
N LYS A 60 8.28 21.97 25.28
CA LYS A 60 7.28 21.98 24.21
C LYS A 60 6.62 20.61 23.92
N PHE A 61 7.00 19.57 24.64
CA PHE A 61 6.42 18.24 24.50
C PHE A 61 5.58 17.89 25.74
N PRO A 62 4.72 16.85 25.69
CA PRO A 62 3.90 16.56 26.89
C PRO A 62 4.74 15.87 27.96
N GLU A 63 4.66 16.36 29.21
CA GLU A 63 5.48 15.79 30.27
C GLU A 63 4.62 15.05 31.34
N LYS A 64 5.18 14.76 32.55
CA LYS A 64 4.56 13.97 33.61
C LYS A 64 4.39 12.47 33.16
N LYS A 65 3.42 11.73 33.72
CA LYS A 65 3.20 10.32 33.38
C LYS A 65 3.06 10.06 31.86
N GLY A 66 3.92 9.19 31.34
CA GLY A 66 3.94 8.86 29.91
C GLY A 66 4.52 9.96 29.01
N GLY A 67 5.09 11.00 29.63
CA GLY A 67 5.69 12.11 28.91
C GLY A 67 7.01 11.74 28.25
N LEU A 68 7.60 12.70 27.51
CA LEU A 68 8.88 12.49 26.81
C LEU A 68 10.08 12.28 27.76
N LYS A 69 10.08 12.94 28.93
CA LYS A 69 11.17 12.78 29.90
C LYS A 69 11.12 11.37 30.49
N GLU A 70 9.92 10.89 30.83
CA GLU A 70 9.76 9.53 31.34
C GLU A 70 10.08 8.50 30.26
N LEU A 71 9.71 8.78 28.99
CA LEU A 71 10.00 7.91 27.86
C LEU A 71 11.50 7.78 27.64
N TYR A 72 12.20 8.91 27.66
CA TYR A 72 13.64 8.91 27.46
C TYR A 72 14.35 8.14 28.59
N GLU A 73 13.94 8.37 29.87
CA GLU A 73 14.50 7.68 31.03
C GLU A 73 14.27 6.17 30.95
N LYS A 74 13.08 5.76 30.48
CA LYS A 74 12.76 4.35 30.29
C LYS A 74 13.69 3.73 29.23
N GLY A 75 14.02 4.50 28.20
CA GLY A 75 14.93 4.05 27.14
C GLY A 75 14.28 3.14 26.11
N PRO A 76 15.05 2.62 25.11
CA PRO A 76 16.49 2.83 24.86
C PRO A 76 16.75 4.16 24.19
N PRO A 77 17.91 4.81 24.47
CA PRO A 77 18.18 6.12 23.84
C PRO A 77 18.38 6.05 22.33
N ASN A 78 18.72 4.87 21.77
CA ASN A 78 18.93 4.70 20.34
C ASN A 78 17.66 4.87 19.50
N ALA A 79 16.49 4.94 20.16
CA ALA A 79 15.21 5.08 19.51
C ALA A 79 14.72 6.53 19.42
N PHE A 80 15.36 7.49 20.09
CA PHE A 80 14.89 8.89 20.09
C PHE A 80 15.52 9.77 19.02
N PHE A 81 14.70 10.48 18.23
CA PHE A 81 15.19 11.36 17.16
C PHE A 81 14.38 12.63 17.10
N LEU A 82 14.93 13.68 16.51
CA LEU A 82 14.21 14.93 16.31
C LEU A 82 14.24 15.22 14.81
N VAL A 83 13.14 15.62 14.22
CA VAL A 83 13.08 15.99 12.80
C VAL A 83 12.62 17.41 12.68
N LYS A 84 13.44 18.28 12.11
CA LYS A 84 13.03 19.66 11.86
C LYS A 84 12.41 19.68 10.46
N PHE A 85 11.16 20.13 10.32
CA PHE A 85 10.49 20.20 9.04
C PHE A 85 10.27 21.62 8.62
N TRP A 86 10.38 21.88 7.33
CA TRP A 86 10.10 23.17 6.72
C TRP A 86 9.01 22.80 5.77
N ALA A 87 7.76 22.92 6.23
CA ALA A 87 6.59 22.50 5.47
C ALA A 87 6.21 23.43 4.32
N ASP A 88 5.83 22.82 3.19
CA ASP A 88 5.42 23.56 2.02
C ASP A 88 3.94 23.84 2.17
N LEU A 89 3.58 25.08 2.52
CA LEU A 89 2.15 25.44 2.63
C LEU A 89 1.68 26.31 1.49
N ASN A 90 2.44 26.37 0.38
CA ASN A 90 2.09 27.15 -0.80
C ASN A 90 0.92 26.51 -1.50
N SER A 91 -0.04 27.33 -1.93
CA SER A 91 -1.23 26.83 -2.60
C SER A 91 -0.89 26.60 -4.06
N THR A 92 -0.24 25.46 -4.32
CA THR A 92 0.21 25.08 -5.65
C THR A 92 -0.91 24.43 -6.51
N ILE A 93 -2.00 23.95 -5.87
CA ILE A 93 -3.17 23.37 -6.53
C ILE A 93 -4.47 24.00 -5.98
N GLN A 94 -5.53 24.03 -6.78
CA GLN A 94 -6.81 24.60 -6.33
C GLN A 94 -7.57 23.57 -5.50
N GLU A 95 -8.34 24.01 -4.46
CA GLU A 95 -9.13 23.06 -3.66
C GLU A 95 -10.58 23.51 -3.43
N GLY A 98 -13.83 19.36 -1.36
CA GLY A 98 -13.73 17.92 -1.16
C GLY A 98 -12.31 17.40 -1.25
N ALA A 99 -11.38 18.04 -0.53
CA ALA A 99 -9.98 17.65 -0.56
C ALA A 99 -9.66 16.57 0.48
N PHE A 100 -8.66 15.72 0.20
CA PHE A 100 -8.23 14.69 1.15
C PHE A 100 -6.91 15.09 1.82
N TYR A 101 -6.90 15.27 3.13
CA TYR A 101 -5.66 15.58 3.86
C TYR A 101 -5.28 14.27 4.55
N GLY A 102 -4.10 13.75 4.24
CA GLY A 102 -3.69 12.46 4.78
C GLY A 102 -2.21 12.35 5.06
N VAL A 103 -1.82 11.25 5.69
CA VAL A 103 -0.45 10.95 6.07
C VAL A 103 -0.14 9.50 5.69
N SER A 104 0.95 9.27 5.01
CA SER A 104 1.36 7.91 4.61
C SER A 104 2.75 7.67 5.17
N SER A 105 2.97 6.50 5.77
CA SER A 105 4.29 6.17 6.29
C SER A 105 4.58 4.69 6.16
N GLN A 106 5.82 4.30 6.35
CA GLN A 106 6.25 2.93 6.18
C GLN A 106 7.47 2.65 7.05
N TYR A 107 7.51 1.50 7.70
CA TYR A 107 8.63 1.15 8.58
C TYR A 107 9.11 -0.23 8.25
N SER A 108 10.30 -0.62 8.77
CA SER A 108 10.77 -1.98 8.59
C SER A 108 11.54 -2.49 9.80
N SER A 109 11.55 -3.81 9.99
CA SER A 109 12.30 -4.44 11.07
C SER A 109 12.77 -5.84 10.68
N ALA A 110 13.77 -6.35 11.38
CA ALA A 110 14.24 -7.70 11.16
C ALA A 110 13.38 -8.74 11.90
N ASP A 111 12.64 -8.33 12.94
CA ASP A 111 11.77 -9.23 13.70
C ASP A 111 10.31 -9.02 13.36
N SER A 112 9.52 -10.10 13.47
CA SER A 112 8.09 -10.00 13.23
C SER A 112 7.41 -9.66 14.52
N MET A 113 6.82 -8.48 14.59
CA MET A 113 6.06 -8.05 15.76
C MET A 113 4.93 -7.11 15.36
N THR A 114 3.88 -6.99 16.20
CA THR A 114 2.80 -6.05 15.92
C THR A 114 3.16 -4.74 16.57
N ILE A 115 3.11 -3.62 15.84
CA ILE A 115 3.50 -2.33 16.40
C ILE A 115 2.29 -1.45 16.72
N SER A 116 2.49 -0.44 17.55
CA SER A 116 1.44 0.50 17.87
C SER A 116 2.00 1.89 17.63
N VAL A 117 1.42 2.65 16.68
CA VAL A 117 1.88 4.01 16.38
C VAL A 117 0.92 5.03 17.00
N SER A 118 1.44 5.87 17.90
CA SER A 118 0.65 6.90 18.55
C SER A 118 1.17 8.26 18.08
N THR A 119 0.29 9.18 17.66
CA THR A 119 0.72 10.52 17.23
C THR A 119 0.15 11.57 18.18
N LYS A 120 1.00 12.27 18.96
CA LYS A 120 0.52 13.28 19.91
C LYS A 120 0.73 14.66 19.42
N VAL A 121 -0.33 15.36 19.07
CA VAL A 121 -0.25 16.75 18.63
C VAL A 121 -0.25 17.59 19.90
N CYS A 122 0.68 18.53 20.04
CA CYS A 122 0.81 19.32 21.25
C CYS A 122 0.76 20.81 20.95
N SER A 123 0.07 21.57 21.80
CA SER A 123 0.06 23.01 21.66
C SER A 123 0.42 23.58 23.03
N PHE A 124 1.49 24.37 23.11
CA PHE A 124 1.98 24.94 24.36
C PHE A 124 2.30 23.86 25.38
N GLY A 125 3.00 22.81 24.94
CA GLY A 125 3.41 21.68 25.78
C GLY A 125 2.31 20.81 26.34
N LYS A 126 1.10 20.91 25.78
CA LYS A 126 -0.08 20.18 26.25
C LYS A 126 -0.72 19.41 25.10
N GLN A 127 -0.97 18.11 25.31
CA GLN A 127 -1.54 17.23 24.31
C GLN A 127 -2.96 17.63 23.96
N VAL A 128 -3.23 17.88 22.68
CA VAL A 128 -4.57 18.27 22.24
C VAL A 128 -5.27 17.17 21.49
N VAL A 129 -4.52 16.37 20.72
CA VAL A 129 -5.06 15.25 19.92
C VAL A 129 -4.09 14.07 20.07
N GLU A 130 -4.60 12.86 20.04
CA GLU A 130 -3.79 11.66 20.00
C GLU A 130 -4.42 10.66 19.02
N LYS A 131 -3.62 9.97 18.20
CA LYS A 131 -4.19 8.98 17.31
C LYS A 131 -3.38 7.74 17.40
N VAL A 132 -4.01 6.62 17.74
CA VAL A 132 -3.33 5.35 17.90
C VAL A 132 -3.71 4.39 16.76
N GLU A 133 -2.72 3.76 16.10
CA GLU A 133 -2.97 2.82 15.02
C GLU A 133 -2.12 1.62 15.19
N THR A 134 -2.71 0.42 15.34
CA THR A 134 -1.95 -0.82 15.42
C THR A 134 -1.58 -1.24 14.01
N GLU A 135 -0.35 -1.70 13.80
CA GLU A 135 0.13 -2.10 12.49
C GLU A 135 0.77 -3.48 12.53
N TYR A 136 0.41 -4.34 11.60
CA TYR A 136 0.92 -5.70 11.53
C TYR A 136 2.01 -5.85 10.49
N ALA A 137 3.03 -6.68 10.79
CA ALA A 137 4.13 -6.90 9.87
C ALA A 137 3.73 -7.72 8.67
N ARG A 138 4.40 -7.45 7.55
CA ARG A 138 4.18 -8.13 6.29
C ARG A 138 5.57 -8.53 5.86
N LEU A 139 5.80 -9.85 5.66
CA LEU A 139 7.10 -10.31 5.20
C LEU A 139 7.38 -9.85 3.77
N GLU A 140 8.55 -9.24 3.54
CA GLU A 140 8.94 -8.72 2.25
C GLU A 140 10.45 -8.66 2.08
N ASN A 141 10.97 -9.51 1.17
CA ASN A 141 12.40 -9.59 0.85
C ASN A 141 13.23 -9.86 2.11
N GLY A 142 12.79 -10.81 2.91
CA GLY A 142 13.48 -11.17 4.15
C GLY A 142 13.30 -10.22 5.31
N ARG A 143 12.62 -9.09 5.10
CA ARG A 143 12.39 -8.12 6.17
C ARG A 143 10.90 -7.96 6.47
N PHE A 144 10.59 -7.32 7.59
CA PHE A 144 9.20 -7.08 7.96
C PHE A 144 8.83 -5.65 7.67
N VAL A 145 7.74 -5.43 6.92
CA VAL A 145 7.35 -4.09 6.50
C VAL A 145 6.00 -3.71 7.10
N TYR A 146 5.92 -2.49 7.66
CA TYR A 146 4.69 -1.94 8.25
C TYR A 146 4.24 -0.80 7.36
N ARG A 147 3.01 -0.87 6.83
CA ARG A 147 2.53 0.19 5.95
C ARG A 147 1.31 0.91 6.46
N ILE A 148 1.38 2.25 6.55
CA ILE A 148 0.23 3.06 6.91
C ILE A 148 -0.07 3.88 5.67
N HIS A 149 -1.15 3.55 4.97
CA HIS A 149 -1.48 4.19 3.72
C HIS A 149 -2.65 5.14 3.81
N ARG A 150 -2.45 6.40 3.40
CA ARG A 150 -3.49 7.43 3.39
C ARG A 150 -4.30 7.51 4.68
N SER A 151 -3.62 7.64 5.84
CA SER A 151 -4.31 7.76 7.10
C SER A 151 -4.84 9.20 7.17
N PRO A 152 -6.16 9.41 7.15
CA PRO A 152 -6.67 10.78 7.13
C PRO A 152 -6.29 11.65 8.35
N MET A 153 -5.97 12.91 8.06
CA MET A 153 -5.65 13.87 9.09
C MET A 153 -6.93 14.21 9.80
N CYS A 154 -6.85 14.41 11.12
CA CYS A 154 -8.01 14.83 11.88
C CYS A 154 -8.33 16.29 11.56
N GLU A 155 -9.59 16.69 11.77
CA GLU A 155 -10.05 18.04 11.49
C GLU A 155 -9.27 19.09 12.32
N TYR A 156 -8.70 18.72 13.48
CA TYR A 156 -7.86 19.65 14.25
C TYR A 156 -6.70 20.12 13.38
N MET A 157 -6.06 19.15 12.70
CA MET A 157 -4.92 19.39 11.83
C MET A 157 -5.28 20.10 10.57
N ILE A 158 -6.41 19.72 9.96
CA ILE A 158 -6.86 20.37 8.73
C ILE A 158 -7.20 21.84 9.01
N ASN A 159 -7.82 22.11 10.14
CA ASN A 159 -8.18 23.47 10.52
C ASN A 159 -6.94 24.28 10.89
N PHE A 160 -5.97 23.65 11.56
CA PHE A 160 -4.74 24.32 11.95
C PHE A 160 -3.99 24.79 10.72
N ILE A 161 -3.88 23.92 9.67
CA ILE A 161 -3.22 24.21 8.41
C ILE A 161 -3.92 25.34 7.69
N HIS A 162 -5.26 25.32 7.68
CA HIS A 162 -6.05 26.39 7.05
C HIS A 162 -5.82 27.72 7.79
N LYS A 163 -5.78 27.70 9.11
CA LYS A 163 -5.53 28.89 9.91
C LYS A 163 -4.14 29.43 9.65
N LEU A 164 -3.12 28.57 9.53
CA LEU A 164 -1.76 29.03 9.22
C LEU A 164 -1.72 29.62 7.82
N LYS A 165 -2.37 28.95 6.85
CA LYS A 165 -2.42 29.40 5.45
C LYS A 165 -3.10 30.80 5.29
N HIS A 166 -3.91 31.21 6.28
CA HIS A 166 -4.59 32.49 6.27
C HIS A 166 -3.79 33.64 6.88
N LEU A 167 -2.57 33.38 7.36
CA LEU A 167 -1.75 34.44 7.91
C LEU A 167 -1.03 35.13 6.76
N PRO A 168 -0.98 36.47 6.78
CA PRO A 168 -0.35 37.19 5.66
C PRO A 168 1.18 37.12 5.55
N GLU A 169 1.89 36.77 6.63
CA GLU A 169 3.35 36.69 6.59
C GLU A 169 3.87 35.35 7.08
N LYS A 170 4.97 34.87 6.48
CA LYS A 170 5.55 33.58 6.87
C LYS A 170 6.21 33.63 8.24
N TYR A 171 6.62 34.81 8.72
CA TYR A 171 7.17 34.92 10.06
C TYR A 171 6.07 34.70 11.12
N MET A 172 4.83 35.09 10.80
CA MET A 172 3.69 34.91 11.69
C MET A 172 3.37 33.46 11.84
N MET A 173 3.43 32.70 10.72
CA MET A 173 3.21 31.27 10.66
C MET A 173 4.24 30.54 11.51
N ASN A 174 5.50 30.94 11.40
CA ASN A 174 6.57 30.37 12.18
C ASN A 174 6.47 30.65 13.66
N SER A 175 5.83 31.74 14.06
CA SER A 175 5.65 32.09 15.47
C SER A 175 4.61 31.22 16.12
N VAL A 176 3.54 30.90 15.38
CA VAL A 176 2.49 30.02 15.85
C VAL A 176 3.11 28.61 16.02
N LEU A 177 3.89 28.18 15.01
CA LEU A 177 4.56 26.91 15.00
C LEU A 177 5.64 26.74 16.06
N GLU A 178 6.04 27.84 16.75
CA GLU A 178 7.02 27.77 17.84
C GLU A 178 6.46 26.99 19.02
N ASN A 179 5.12 27.00 19.22
CA ASN A 179 4.51 26.28 20.33
C ASN A 179 3.59 25.17 19.85
N PHE A 180 4.00 24.50 18.77
CA PHE A 180 3.30 23.40 18.15
C PHE A 180 4.33 22.32 17.92
N THR A 181 4.05 21.10 18.37
CA THR A 181 4.94 19.97 18.16
C THR A 181 4.08 18.67 17.94
N ILE A 182 4.62 17.68 17.26
CA ILE A 182 3.94 16.40 17.06
C ILE A 182 4.93 15.32 17.53
N LEU A 183 4.54 14.48 18.47
CA LEU A 183 5.44 13.43 18.97
C LEU A 183 4.95 12.07 18.51
N GLN A 184 5.76 11.34 17.75
CA GLN A 184 5.38 10.01 17.28
C GLN A 184 6.10 8.90 18.06
N VAL A 185 5.36 8.05 18.79
CA VAL A 185 5.98 6.94 19.56
C VAL A 185 5.51 5.59 19.07
N VAL A 186 6.42 4.78 18.53
CA VAL A 186 6.10 3.43 18.05
C VAL A 186 6.54 2.45 19.13
N THR A 187 5.63 1.61 19.61
CA THR A 187 5.97 0.61 20.62
C THR A 187 5.59 -0.80 20.13
N SER A 188 6.20 -1.84 20.70
CA SER A 188 5.83 -3.21 20.37
C SER A 188 4.46 -3.40 21.07
N ARG A 189 3.37 -3.61 20.33
CA ARG A 189 2.01 -3.66 20.90
C ARG A 189 1.87 -4.55 22.15
N ASP A 190 2.43 -5.76 22.10
CA ASP A 190 2.30 -6.70 23.19
C ASP A 190 3.25 -6.41 24.37
N SER A 191 4.57 -6.28 24.13
CA SER A 191 5.52 -5.99 25.22
C SER A 191 5.47 -4.54 25.76
N GLN A 192 5.00 -3.60 24.94
CA GLN A 192 4.94 -2.16 25.16
C GLN A 192 6.33 -1.51 25.21
N GLU A 193 7.33 -2.16 24.61
CA GLU A 193 8.71 -1.71 24.60
C GLU A 193 8.90 -0.67 23.51
N THR A 194 9.53 0.47 23.84
CA THR A 194 9.75 1.57 22.90
C THR A 194 10.58 1.13 21.72
N LEU A 195 10.07 1.31 20.49
CA LEU A 195 10.80 0.93 19.31
C LEU A 195 11.39 2.14 18.60
N LEU A 196 10.66 3.25 18.55
CA LEU A 196 11.10 4.45 17.85
C LEU A 196 10.32 5.65 18.34
N VAL A 197 10.98 6.76 18.60
CA VAL A 197 10.31 7.99 19.03
C VAL A 197 10.83 9.12 18.16
N ILE A 198 9.93 9.82 17.45
CA ILE A 198 10.35 10.94 16.60
C ILE A 198 9.62 12.20 16.99
N ALA A 199 10.33 13.20 17.46
CA ALA A 199 9.74 14.48 17.82
C ALA A 199 9.76 15.33 16.55
N PHE A 200 8.63 15.89 16.16
CA PHE A 200 8.56 16.69 14.94
C PHE A 200 8.38 18.15 15.28
N VAL A 201 9.26 19.00 14.76
CA VAL A 201 9.14 20.43 14.94
C VAL A 201 9.02 21.09 13.57
N PHE A 202 8.23 22.16 13.46
CA PHE A 202 7.92 22.76 12.17
C PHE A 202 8.17 24.25 11.97
N GLU A 203 8.45 24.59 10.74
CA GLU A 203 8.58 25.93 10.20
C GLU A 203 7.97 25.90 8.80
N VAL A 204 7.61 27.07 8.24
CA VAL A 204 7.07 27.14 6.89
C VAL A 204 8.24 27.35 5.93
N SER A 205 8.33 26.54 4.88
CA SER A 205 9.40 26.62 3.91
C SER A 205 9.28 27.85 3.03
N THR A 206 10.35 28.63 2.96
CA THR A 206 10.46 29.82 2.10
C THR A 206 11.26 29.53 0.81
N SER A 207 11.86 28.32 0.71
CA SER A 207 12.66 27.80 -0.37
C SER A 207 11.88 27.65 -1.67
N GLU A 208 12.57 27.83 -2.78
CA GLU A 208 12.00 27.60 -4.11
C GLU A 208 11.98 26.08 -4.44
N HIS A 209 12.76 25.26 -3.73
CA HIS A 209 12.78 23.80 -3.90
C HIS A 209 11.76 23.07 -2.98
N GLY A 210 10.77 23.79 -2.48
CA GLY A 210 9.71 23.24 -1.66
C GLY A 210 10.02 22.89 -0.21
N ALA A 211 9.49 21.75 0.21
CA ALA A 211 9.59 21.20 1.54
C ALA A 211 10.97 20.68 1.80
N GLN A 212 11.53 21.01 2.96
CA GLN A 212 12.86 20.59 3.39
C GLN A 212 12.75 19.92 4.79
N HIS A 213 13.77 19.15 5.17
CA HIS A 213 13.80 18.51 6.48
C HIS A 213 15.22 18.28 6.95
N HIS A 214 15.41 18.12 8.26
CA HIS A 214 16.73 17.86 8.82
C HIS A 214 16.61 16.92 10.02
N VAL A 215 17.28 15.77 9.98
CA VAL A 215 17.22 14.82 11.08
C VAL A 215 18.32 15.05 12.16
N TYR A 216 18.01 14.80 13.43
CA TYR A 216 18.98 14.91 14.52
C TYR A 216 18.78 13.76 15.46
N LYS A 217 19.81 13.41 16.21
CA LYS A 217 19.71 12.37 17.22
C LYS A 217 19.47 13.05 18.58
N LEU A 218 18.49 12.58 19.37
CA LEU A 218 18.22 13.16 20.68
C LEU A 218 19.09 12.50 21.74
N VAL A 219 19.89 13.31 22.44
CA VAL A 219 20.84 12.82 23.42
C VAL A 219 20.68 13.50 24.79
N LYS A 220 21.27 12.95 25.84
CA LYS A 220 21.24 13.57 27.17
C LYS A 220 22.70 13.59 27.63
N ASP A 221 23.40 14.74 27.44
CA ASP A 221 24.83 14.92 27.72
C ASP A 221 25.72 14.36 26.59
N ARG B 4 -31.27 -0.35 26.30
CA ARG B 4 -31.70 -0.30 24.89
C ARG B 4 -30.49 -0.39 23.88
N THR B 5 -30.79 -0.67 22.57
CA THR B 5 -29.79 -0.86 21.52
C THR B 5 -29.45 0.41 20.69
N ILE B 6 -28.13 0.70 20.60
CA ILE B 6 -27.60 1.81 19.82
C ILE B 6 -26.98 1.22 18.57
N ALA B 7 -27.60 1.47 17.41
CA ALA B 7 -27.13 0.95 16.15
C ALA B 7 -27.65 1.77 15.00
N SER B 8 -26.81 1.97 14.00
CA SER B 8 -27.20 2.66 12.77
C SER B 8 -27.43 1.57 11.69
N SER B 9 -27.67 1.97 10.44
CA SER B 9 -27.84 1.01 9.35
C SER B 9 -26.53 0.25 9.02
N ARG B 10 -25.36 0.81 9.43
CA ARG B 10 -24.01 0.32 9.16
C ARG B 10 -23.23 -0.27 10.33
N LEU B 11 -23.30 0.34 11.54
CA LEU B 11 -22.52 -0.15 12.68
C LEU B 11 -23.37 -0.23 13.94
N ARG B 12 -23.09 -1.21 14.80
CA ARG B 12 -23.83 -1.41 16.03
C ARG B 12 -22.92 -1.38 17.27
N LEU B 13 -23.16 -0.49 18.26
CA LEU B 13 -22.37 -0.51 19.50
C LEU B 13 -22.86 -1.70 20.28
N LEU B 14 -22.00 -2.67 20.53
CA LEU B 14 -22.38 -3.84 21.31
C LEU B 14 -22.22 -3.59 22.79
N GLU B 15 -21.15 -2.91 23.20
CA GLU B 15 -20.85 -2.73 24.61
C GLU B 15 -19.92 -1.54 24.84
N TYR B 16 -19.97 -0.89 26.03
CA TYR B 16 -19.12 0.26 26.35
C TYR B 16 -18.96 0.41 27.84
N SER B 17 -17.73 0.57 28.35
CA SER B 17 -17.51 0.78 29.78
C SER B 17 -16.28 1.61 30.09
N ALA B 18 -16.41 2.57 30.99
CA ALA B 18 -15.28 3.36 31.46
C ALA B 18 -15.07 2.90 32.92
N PHE B 19 -13.83 2.67 33.34
CA PHE B 19 -13.56 2.07 34.64
C PHE B 19 -12.19 2.45 35.27
N MET B 20 -11.95 2.02 36.50
CA MET B 20 -10.71 2.21 37.25
C MET B 20 -10.33 0.83 37.75
N GLU B 21 -9.12 0.39 37.48
CA GLU B 21 -8.66 -0.92 37.89
C GLU B 21 -7.42 -0.80 38.76
N VAL B 22 -7.42 -1.50 39.90
CA VAL B 22 -6.28 -1.49 40.80
C VAL B 22 -5.77 -2.93 40.97
N GLN B 23 -4.46 -3.13 40.89
CA GLN B 23 -3.86 -4.44 41.15
C GLN B 23 -3.02 -4.25 42.41
N ARG B 24 -3.72 -4.15 43.56
CA ARG B 24 -3.19 -3.93 44.91
C ARG B 24 -1.92 -4.73 45.17
N ASP B 25 -1.93 -6.00 44.74
CA ASP B 25 -0.79 -6.91 44.83
C ASP B 25 -0.90 -7.99 43.70
N PRO B 26 0.04 -8.95 43.54
CA PRO B 26 -0.08 -9.92 42.42
C PRO B 26 -1.24 -10.90 42.52
N ASP B 27 -1.87 -10.99 43.70
CA ASP B 27 -3.05 -11.83 43.89
C ASP B 27 -4.34 -11.03 44.11
N THR B 28 -4.27 -9.70 44.20
CA THR B 28 -5.46 -8.88 44.44
C THR B 28 -5.73 -7.92 43.30
N TYR B 29 -6.97 -7.91 42.83
CA TYR B 29 -7.39 -7.08 41.74
C TYR B 29 -8.77 -6.54 42.04
N SER B 30 -9.02 -5.25 41.69
CA SER B 30 -10.33 -4.63 41.87
C SER B 30 -10.70 -3.76 40.69
N LYS B 31 -11.97 -3.74 40.31
CA LYS B 31 -12.44 -2.93 39.20
C LYS B 31 -13.70 -2.15 39.55
N HIS B 32 -13.64 -0.82 39.45
CA HIS B 32 -14.82 0.04 39.68
C HIS B 32 -15.28 0.58 38.34
N LEU B 33 -16.57 0.46 38.02
CA LEU B 33 -17.10 0.97 36.76
C LEU B 33 -17.68 2.36 36.96
N PHE B 34 -17.24 3.36 36.19
CA PHE B 34 -17.80 4.70 36.26
C PHE B 34 -19.12 4.68 35.51
N VAL B 35 -19.12 4.15 34.28
CA VAL B 35 -20.30 4.02 33.39
C VAL B 35 -20.25 2.65 32.68
N HIS B 36 -21.39 2.10 32.23
N HIS B 36 -21.39 2.12 32.23
CA HIS B 36 -21.43 0.81 31.54
CA HIS B 36 -21.42 0.84 31.51
C HIS B 36 -22.69 0.65 30.70
C HIS B 36 -22.69 0.63 30.71
N ILE B 37 -22.54 0.10 29.49
CA ILE B 37 -23.60 -0.22 28.54
C ILE B 37 -23.28 -1.65 28.15
N GLY B 38 -24.11 -2.60 28.56
CA GLY B 38 -23.88 -4.01 28.31
C GLY B 38 -24.49 -4.53 27.01
N GLN B 39 -24.49 -5.86 26.85
CA GLN B 39 -25.05 -6.49 25.65
C GLN B 39 -26.48 -6.99 25.86
N THR B 40 -27.16 -7.34 24.75
CA THR B 40 -28.52 -7.90 24.80
C THR B 40 -28.49 -9.45 24.88
N PRO B 48 -39.62 2.40 20.64
CA PRO B 48 -39.06 2.28 22.00
C PRO B 48 -37.96 3.31 22.31
N LEU B 49 -37.04 3.64 21.33
CA LEU B 49 -36.09 4.73 21.64
C LEU B 49 -36.87 6.03 21.57
N GLU B 50 -36.81 6.79 22.66
CA GLU B 50 -37.43 8.09 22.78
C GLU B 50 -36.52 9.08 22.06
N ALA B 51 -37.10 10.05 21.36
CA ALA B 51 -36.32 11.04 20.62
C ALA B 51 -36.03 12.32 21.38
N VAL B 52 -34.90 12.96 21.05
CA VAL B 52 -34.44 14.24 21.60
C VAL B 52 -34.02 15.09 20.39
N ASP B 53 -34.52 16.32 20.30
CA ASP B 53 -34.14 17.21 19.21
C ASP B 53 -32.72 17.64 19.40
N VAL B 54 -31.91 17.40 18.37
CA VAL B 54 -30.48 17.66 18.32
C VAL B 54 -30.12 19.09 18.68
N ARG B 55 -30.96 20.04 18.25
CA ARG B 55 -30.71 21.45 18.47
C ARG B 55 -30.66 21.84 19.94
N GLN B 56 -31.22 21.01 20.84
CA GLN B 56 -31.20 21.25 22.28
C GLN B 56 -29.83 21.04 22.89
N ILE B 57 -28.97 20.23 22.24
CA ILE B 57 -27.63 19.95 22.79
C ILE B 57 -26.50 20.73 22.08
N TYR B 58 -26.78 21.33 20.91
CA TYR B 58 -25.81 22.07 20.10
C TYR B 58 -24.88 23.00 20.89
N ASP B 59 -25.47 23.82 21.81
CA ASP B 59 -24.72 24.78 22.63
C ASP B 59 -23.55 24.15 23.43
N LYS B 60 -23.69 22.90 23.88
CA LYS B 60 -22.71 22.22 24.72
C LYS B 60 -21.75 21.30 23.98
N PHE B 61 -21.89 21.17 22.66
CA PHE B 61 -21.00 20.35 21.82
C PHE B 61 -20.13 21.23 20.92
N PRO B 62 -19.06 20.70 20.30
CA PRO B 62 -18.23 21.55 19.43
C PRO B 62 -18.94 21.83 18.11
N GLU B 63 -18.99 23.10 17.74
CA GLU B 63 -19.65 23.48 16.50
C GLU B 63 -18.62 24.03 15.45
N LYS B 64 -19.09 24.75 14.40
CA LYS B 64 -18.24 25.24 13.30
C LYS B 64 -17.70 24.04 12.44
N LYS B 65 -16.55 24.18 11.76
CA LYS B 65 -16.00 23.11 10.92
C LYS B 65 -15.78 21.79 11.69
N GLY B 66 -16.40 20.73 11.18
CA GLY B 66 -16.36 19.41 11.80
C GLY B 66 -17.21 19.27 13.06
N GLY B 67 -17.95 20.32 13.40
CA GLY B 67 -18.82 20.36 14.56
C GLY B 67 -20.07 19.51 14.42
N LEU B 68 -20.78 19.29 15.55
CA LEU B 68 -22.00 18.48 15.66
C LEU B 68 -23.09 18.82 14.65
N LYS B 69 -23.35 20.12 14.45
CA LYS B 69 -24.36 20.61 13.52
C LYS B 69 -24.06 20.19 12.09
N GLU B 70 -22.81 20.36 11.61
CA GLU B 70 -22.39 19.98 10.26
C GLU B 70 -22.43 18.48 10.03
N LEU B 71 -22.09 17.72 11.07
CA LEU B 71 -22.03 16.28 11.09
C LEU B 71 -23.41 15.68 10.92
N TYR B 72 -24.43 16.28 11.55
CA TYR B 72 -25.82 15.82 11.42
C TYR B 72 -26.34 16.17 10.01
N GLU B 73 -26.00 17.37 9.53
CA GLU B 73 -26.38 17.82 8.19
C GLU B 73 -25.78 16.92 7.13
N LYS B 74 -24.53 16.49 7.31
CA LYS B 74 -23.87 15.55 6.41
C LYS B 74 -24.61 14.20 6.42
N GLY B 75 -25.11 13.78 7.58
CA GLY B 75 -25.88 12.55 7.73
C GLY B 75 -25.04 11.29 7.76
N PRO B 76 -25.66 10.09 7.84
CA PRO B 76 -27.11 9.81 7.90
C PRO B 76 -27.68 10.04 9.30
N PRO B 77 -28.96 10.47 9.41
CA PRO B 77 -29.54 10.72 10.75
C PRO B 77 -29.71 9.46 11.60
N ASN B 78 -29.76 8.26 10.97
CA ASN B 78 -29.91 7.00 11.70
C ASN B 78 -28.71 6.63 12.57
N ALA B 79 -27.60 7.37 12.43
CA ALA B 79 -26.37 7.13 13.18
C ALA B 79 -26.24 7.98 14.43
N PHE B 80 -27.10 8.98 14.66
CA PHE B 80 -26.96 9.88 15.80
C PHE B 80 -27.78 9.48 17.01
N PHE B 81 -27.14 9.41 18.18
CA PHE B 81 -27.78 9.03 19.44
C PHE B 81 -27.30 9.90 20.59
N LEU B 82 -28.08 10.00 21.65
CA LEU B 82 -27.67 10.71 22.85
C LEU B 82 -27.76 9.72 24.00
N VAL B 83 -26.74 9.68 24.88
CA VAL B 83 -26.77 8.78 26.03
C VAL B 83 -26.61 9.63 27.29
N LYS B 84 -27.60 9.58 28.19
CA LYS B 84 -27.48 10.30 29.45
C LYS B 84 -26.87 9.30 30.42
N PHE B 85 -25.76 9.66 31.07
CA PHE B 85 -25.11 8.78 32.03
C PHE B 85 -25.22 9.36 33.41
N TRP B 86 -25.37 8.47 34.40
CA TRP B 86 -25.36 8.81 35.81
C TRP B 86 -24.19 7.99 36.27
N ALA B 87 -23.00 8.62 36.29
CA ALA B 87 -21.75 7.96 36.61
C ALA B 87 -21.58 7.64 38.08
N ASP B 88 -21.04 6.47 38.38
CA ASP B 88 -20.75 6.08 39.75
C ASP B 88 -19.38 6.62 40.09
N LEU B 89 -19.29 7.71 40.86
CA LEU B 89 -17.98 8.24 41.25
C LEU B 89 -17.66 7.98 42.72
N ASN B 90 -18.33 6.99 43.34
CA ASN B 90 -18.09 6.64 44.74
C ASN B 90 -16.76 5.93 44.83
N SER B 91 -15.96 6.29 45.84
CA SER B 91 -14.64 5.68 46.02
C SER B 91 -14.83 4.34 46.73
N THR B 92 -15.23 3.32 45.96
CA THR B 92 -15.55 2.00 46.49
C THR B 92 -14.30 1.11 46.68
N ILE B 93 -13.19 1.43 46.01
CA ILE B 93 -11.93 0.68 46.15
C ILE B 93 -10.77 1.63 46.47
N GLN B 94 -9.70 1.09 47.08
CA GLN B 94 -8.51 1.86 47.43
C GLN B 94 -7.65 2.00 46.18
N GLU B 95 -7.20 3.22 45.89
CA GLU B 95 -6.33 3.53 44.73
C GLU B 95 -4.86 3.40 45.16
N GLY B 96 -4.01 2.84 44.30
CA GLY B 96 -2.59 2.65 44.60
C GLY B 96 -1.67 3.46 43.70
N ALA B 99 -3.20 2.32 40.10
CA ALA B 99 -4.48 2.33 39.36
C ALA B 99 -4.28 2.48 37.85
N PHE B 100 -5.31 2.09 37.05
CA PHE B 100 -5.38 2.18 35.58
C PHE B 100 -6.78 2.64 35.23
N TYR B 101 -6.89 3.80 34.60
CA TYR B 101 -8.17 4.36 34.18
C TYR B 101 -8.27 4.04 32.71
N GLY B 102 -9.31 3.32 32.33
CA GLY B 102 -9.45 2.89 30.96
C GLY B 102 -10.88 2.82 30.47
N VAL B 103 -11.02 2.61 29.16
CA VAL B 103 -12.30 2.53 28.47
C VAL B 103 -12.25 1.28 27.57
N SER B 104 -13.30 0.46 27.62
CA SER B 104 -13.40 -0.76 26.83
C SER B 104 -14.71 -0.69 26.04
N SER B 105 -14.70 -1.02 24.74
CA SER B 105 -15.93 -1.00 23.94
C SER B 105 -15.92 -1.97 22.76
N GLN B 106 -17.09 -2.32 22.23
CA GLN B 106 -17.19 -3.25 21.12
C GLN B 106 -18.19 -2.77 20.12
N TYR B 107 -17.93 -3.02 18.85
CA TYR B 107 -18.81 -2.62 17.77
C TYR B 107 -18.93 -3.77 16.79
N SER B 108 -20.01 -3.83 16.01
CA SER B 108 -20.13 -4.87 14.99
C SER B 108 -20.77 -4.36 13.71
N SER B 109 -20.44 -4.99 12.58
CA SER B 109 -21.01 -4.60 11.28
C SER B 109 -21.12 -5.80 10.34
N ALA B 110 -21.97 -5.67 9.33
CA ALA B 110 -22.12 -6.71 8.32
C ALA B 110 -21.04 -6.59 7.23
N ASP B 111 -20.41 -5.41 7.09
CA ASP B 111 -19.35 -5.20 6.10
C ASP B 111 -17.98 -5.18 6.74
N SER B 112 -17.00 -5.63 5.99
CA SER B 112 -15.62 -5.67 6.43
C SER B 112 -14.99 -4.34 6.07
N MET B 113 -14.71 -3.50 7.07
CA MET B 113 -14.06 -2.21 6.84
C MET B 113 -13.20 -1.84 8.05
N THR B 114 -12.25 -0.91 7.88
CA THR B 114 -11.47 -0.41 9.00
C THR B 114 -12.18 0.81 9.55
N ILE B 115 -12.38 0.90 10.87
CA ILE B 115 -13.10 2.04 11.46
C ILE B 115 -12.19 3.01 12.22
N SER B 116 -12.62 4.26 12.37
N SER B 116 -12.64 4.26 12.36
CA SER B 116 -11.87 5.26 13.11
CA SER B 116 -11.91 5.31 13.06
C SER B 116 -12.74 5.82 14.24
C SER B 116 -12.76 5.83 14.23
N VAL B 117 -12.50 5.36 15.46
CA VAL B 117 -13.26 5.80 16.62
C VAL B 117 -12.63 7.06 17.19
N SER B 118 -13.23 8.23 16.95
CA SER B 118 -12.68 9.48 17.48
C SER B 118 -13.51 9.91 18.69
N THR B 119 -12.87 10.16 19.83
CA THR B 119 -13.52 10.57 21.08
C THR B 119 -13.17 12.03 21.41
N LYS B 120 -14.17 12.93 21.47
CA LYS B 120 -13.90 14.34 21.74
C LYS B 120 -14.44 14.87 23.08
N VAL B 121 -13.56 15.26 24.02
CA VAL B 121 -13.98 15.88 25.28
C VAL B 121 -14.28 17.40 25.05
N CYS B 122 -15.35 17.96 25.67
CA CYS B 122 -15.70 19.40 25.55
C CYS B 122 -15.91 20.06 26.88
N SER B 123 -15.41 21.28 27.02
CA SER B 123 -15.66 22.08 28.22
C SER B 123 -16.18 23.41 27.71
N PHE B 124 -17.42 23.76 28.08
CA PHE B 124 -18.08 24.99 27.65
C PHE B 124 -18.20 25.07 26.15
N GLY B 125 -18.65 23.97 25.56
CA GLY B 125 -18.87 23.84 24.13
C GLY B 125 -17.64 23.94 23.25
N LYS B 126 -16.43 23.75 23.84
CA LYS B 126 -15.15 23.81 23.13
C LYS B 126 -14.34 22.55 23.39
N GLN B 127 -13.86 21.90 22.31
CA GLN B 127 -13.09 20.68 22.39
C GLN B 127 -11.74 20.93 23.06
N VAL B 128 -11.44 20.19 24.12
CA VAL B 128 -10.19 20.34 24.85
C VAL B 128 -9.18 19.23 24.54
N VAL B 129 -9.61 17.97 24.49
CA VAL B 129 -8.74 16.84 24.13
C VAL B 129 -9.50 15.98 23.14
N GLU B 130 -8.79 15.17 22.37
CA GLU B 130 -9.38 14.25 21.40
C GLU B 130 -8.52 12.98 21.30
N LYS B 131 -9.15 11.81 21.15
CA LYS B 131 -8.40 10.58 20.98
C LYS B 131 -9.03 9.82 19.87
N VAL B 132 -8.25 9.53 18.84
CA VAL B 132 -8.69 8.80 17.64
C VAL B 132 -8.02 7.43 17.65
N GLU B 133 -8.79 6.35 17.42
CA GLU B 133 -8.21 5.01 17.40
C GLU B 133 -8.71 4.26 16.23
N THR B 134 -7.81 3.78 15.37
CA THR B 134 -8.22 2.98 14.22
C THR B 134 -8.42 1.54 14.69
N GLU B 135 -9.50 0.90 14.25
CA GLU B 135 -9.81 -0.45 14.65
C GLU B 135 -10.07 -1.33 13.43
N TYR B 136 -9.52 -2.52 13.44
CA TYR B 136 -9.69 -3.47 12.34
C TYR B 136 -10.72 -4.52 12.69
N ALA B 137 -11.50 -4.93 11.68
CA ALA B 137 -12.53 -5.94 11.88
C ALA B 137 -11.92 -7.33 12.09
N ARG B 138 -12.67 -8.16 12.77
CA ARG B 138 -12.32 -9.55 12.99
C ARG B 138 -13.58 -10.32 12.65
N LEU B 139 -13.50 -11.26 11.71
CA LEU B 139 -14.67 -12.05 11.33
C LEU B 139 -15.06 -13.00 12.47
N GLU B 140 -16.34 -12.99 12.85
CA GLU B 140 -16.87 -13.78 13.95
C GLU B 140 -18.35 -14.07 13.79
N ASN B 141 -18.69 -15.35 13.55
CA ASN B 141 -20.07 -15.82 13.38
C ASN B 141 -20.80 -15.04 12.30
N GLY B 142 -20.13 -14.89 11.15
CA GLY B 142 -20.69 -14.17 10.01
C GLY B 142 -20.72 -12.67 10.12
N ARG B 143 -20.30 -12.12 11.25
CA ARG B 143 -20.27 -10.67 11.45
C ARG B 143 -18.86 -10.14 11.68
N PHE B 144 -18.68 -8.83 11.54
CA PHE B 144 -17.39 -8.23 11.76
C PHE B 144 -17.39 -7.55 13.12
N VAL B 145 -16.42 -7.91 13.98
CA VAL B 145 -16.37 -7.40 15.33
C VAL B 145 -15.17 -6.51 15.56
N TYR B 146 -15.37 -5.32 16.16
CA TYR B 146 -14.31 -4.36 16.47
C TYR B 146 -14.19 -4.34 17.97
N ARG B 147 -12.99 -4.61 18.50
CA ARG B 147 -12.78 -4.61 19.95
C ARG B 147 -11.76 -3.59 20.40
N ILE B 148 -12.14 -2.76 21.36
CA ILE B 148 -11.23 -1.81 21.96
C ILE B 148 -11.12 -2.25 23.40
N HIS B 149 -9.99 -2.84 23.78
CA HIS B 149 -9.82 -3.35 25.12
C HIS B 149 -8.85 -2.51 25.94
N ARG B 150 -9.31 -2.07 27.13
CA ARG B 150 -8.53 -1.28 28.06
C ARG B 150 -7.74 -0.13 27.43
N SER B 151 -8.42 0.74 26.67
CA SER B 151 -7.76 1.88 26.06
C SER B 151 -7.60 2.91 27.17
N PRO B 152 -6.38 3.24 27.57
CA PRO B 152 -6.20 4.15 28.69
C PRO B 152 -6.77 5.55 28.49
N MET B 153 -7.41 6.07 29.57
CA MET B 153 -7.95 7.42 29.60
C MET B 153 -6.77 8.37 29.61
N CYS B 154 -6.91 9.50 28.94
CA CYS B 154 -5.84 10.51 28.97
C CYS B 154 -5.82 11.20 30.33
N GLU B 155 -4.68 11.79 30.67
CA GLU B 155 -4.50 12.44 31.97
C GLU B 155 -5.50 13.59 32.17
N TYR B 156 -6.02 14.22 31.09
CA TYR B 156 -7.05 15.25 31.23
C TYR B 156 -8.27 14.67 31.96
N MET B 157 -8.69 13.48 31.52
CA MET B 157 -9.82 12.78 32.06
C MET B 157 -9.57 12.25 33.45
N ILE B 158 -8.39 11.70 33.70
CA ILE B 158 -8.04 11.19 35.02
C ILE B 158 -8.02 12.31 36.04
N ASN B 159 -7.49 13.47 35.65
CA ASN B 159 -7.41 14.64 36.52
C ASN B 159 -8.80 15.24 36.76
N PHE B 160 -9.63 15.27 35.72
CA PHE B 160 -11.00 15.80 35.81
C PHE B 160 -11.80 15.00 36.82
N ILE B 161 -11.70 13.66 36.76
CA ILE B 161 -12.36 12.74 37.68
C ILE B 161 -11.87 12.93 39.11
N HIS B 162 -10.55 13.09 39.30
CA HIS B 162 -9.97 13.34 40.62
C HIS B 162 -10.48 14.66 41.20
N LYS B 163 -10.51 15.71 40.35
CA LYS B 163 -11.02 17.02 40.74
C LYS B 163 -12.51 16.93 41.10
N LEU B 164 -13.29 16.13 40.39
CA LEU B 164 -14.72 15.94 40.69
C LEU B 164 -14.84 15.27 42.04
N LYS B 165 -14.16 14.14 42.25
CA LYS B 165 -14.23 13.39 43.49
C LYS B 165 -13.84 14.25 44.73
N HIS B 166 -13.03 15.31 44.52
CA HIS B 166 -12.65 16.21 45.61
C HIS B 166 -13.73 17.20 46.03
N LEU B 167 -14.88 17.22 45.35
CA LEU B 167 -15.96 18.13 45.71
C LEU B 167 -16.77 17.52 46.82
N PRO B 168 -17.12 18.32 47.84
CA PRO B 168 -17.86 17.78 48.99
C PRO B 168 -19.33 17.43 48.75
N GLU B 169 -19.96 17.96 47.67
CA GLU B 169 -21.37 17.66 47.45
C GLU B 169 -21.64 17.15 46.04
N LYS B 170 -22.62 16.26 45.88
CA LYS B 170 -22.97 15.73 44.55
C LYS B 170 -23.65 16.75 43.65
N TYR B 171 -24.30 17.77 44.22
CA TYR B 171 -24.88 18.83 43.40
C TYR B 171 -23.75 19.68 42.75
N MET B 172 -22.62 19.84 43.46
CA MET B 172 -21.48 20.59 42.93
C MET B 172 -20.88 19.87 41.78
N MET B 173 -20.78 18.54 41.89
CA MET B 173 -20.25 17.65 40.87
C MET B 173 -21.08 17.78 39.62
N ASN B 174 -22.42 17.83 39.76
CA ASN B 174 -23.37 17.95 38.66
C ASN B 174 -23.33 19.27 37.95
N SER B 175 -23.01 20.35 38.70
CA SER B 175 -22.89 21.71 38.15
C SER B 175 -21.68 21.80 37.22
N VAL B 176 -20.58 21.15 37.60
CA VAL B 176 -19.38 21.05 36.78
C VAL B 176 -19.73 20.24 35.52
N LEU B 177 -20.41 19.11 35.70
CA LEU B 177 -20.79 18.26 34.60
C LEU B 177 -21.81 18.88 33.65
N GLU B 178 -22.48 19.98 34.04
CA GLU B 178 -23.42 20.67 33.17
C GLU B 178 -22.75 21.16 31.90
N ASN B 179 -21.49 21.59 31.98
CA ASN B 179 -20.79 22.09 30.79
C ASN B 179 -19.56 21.27 30.46
N PHE B 180 -19.73 19.94 30.54
CA PHE B 180 -18.74 18.94 30.19
C PHE B 180 -19.50 17.91 29.39
N THR B 181 -19.05 17.63 28.16
CA THR B 181 -19.67 16.64 27.29
C THR B 181 -18.57 15.83 26.58
N ILE B 182 -18.93 14.66 26.03
CA ILE B 182 -17.99 13.82 25.28
C ILE B 182 -18.73 13.42 24.01
N LEU B 183 -18.16 13.70 22.83
CA LEU B 183 -18.82 13.32 21.58
C LEU B 183 -18.03 12.20 20.91
N GLN B 184 -18.65 11.04 20.70
CA GLN B 184 -17.95 9.95 20.05
C GLN B 184 -18.37 9.76 18.59
N VAL B 185 -17.42 9.91 17.65
CA VAL B 185 -17.70 9.75 16.23
C VAL B 185 -16.95 8.57 15.58
N VAL B 186 -17.68 7.53 15.15
CA VAL B 186 -17.07 6.38 14.47
C VAL B 186 -17.26 6.59 12.97
N THR B 187 -16.18 6.60 12.20
CA THR B 187 -16.28 6.75 10.74
C THR B 187 -15.59 5.59 10.03
N SER B 188 -15.93 5.35 8.75
CA SER B 188 -15.24 4.34 7.96
C SER B 188 -13.86 4.99 7.63
N ARG B 189 -12.73 4.44 8.12
CA ARG B 189 -11.41 5.07 7.95
C ARG B 189 -11.10 5.56 6.54
N ASP B 190 -11.35 4.73 5.53
CA ASP B 190 -11.03 5.08 4.15
C ASP B 190 -12.06 6.00 3.48
N SER B 191 -13.36 5.67 3.51
CA SER B 191 -14.37 6.54 2.90
C SER B 191 -14.68 7.82 3.71
N GLN B 192 -14.39 7.83 5.02
CA GLN B 192 -14.65 8.88 6.03
C GLN B 192 -16.14 9.12 6.27
N GLU B 193 -16.96 8.12 5.96
CA GLU B 193 -18.41 8.15 6.05
C GLU B 193 -18.83 7.87 7.50
N THR B 194 -19.72 8.72 8.07
CA THR B 194 -20.19 8.59 9.44
C THR B 194 -20.90 7.28 9.65
N LEU B 195 -20.46 6.50 10.63
CA LEU B 195 -21.06 5.21 10.92
C LEU B 195 -21.92 5.28 12.15
N LEU B 196 -21.47 6.00 13.16
CA LEU B 196 -22.19 6.09 14.43
C LEU B 196 -21.69 7.31 15.19
N VAL B 197 -22.60 8.07 15.78
CA VAL B 197 -22.24 9.25 16.57
C VAL B 197 -23.01 9.17 17.87
N ILE B 198 -22.32 9.18 18.99
CA ILE B 198 -22.97 9.13 20.29
C ILE B 198 -22.57 10.34 21.12
N ALA B 199 -23.52 11.19 21.48
CA ALA B 199 -23.25 12.34 22.34
C ALA B 199 -23.43 11.85 23.77
N PHE B 200 -22.45 12.06 24.64
CA PHE B 200 -22.53 11.62 26.02
C PHE B 200 -22.70 12.79 26.96
N VAL B 201 -23.75 12.76 27.77
CA VAL B 201 -23.97 13.79 28.79
C VAL B 201 -23.98 13.12 30.17
N PHE B 202 -23.44 13.80 31.18
CA PHE B 202 -23.24 13.18 32.49
C PHE B 202 -23.78 13.89 33.71
N GLU B 203 -24.12 13.06 34.69
CA GLU B 203 -24.51 13.43 36.04
C GLU B 203 -23.90 12.38 36.99
N VAL B 204 -23.79 12.69 38.27
CA VAL B 204 -23.27 11.75 39.26
C VAL B 204 -24.45 10.96 39.82
N SER B 205 -24.33 9.63 39.83
CA SER B 205 -25.39 8.76 40.31
C SER B 205 -25.52 8.82 41.81
N THR B 206 -26.74 9.06 42.27
CA THR B 206 -27.10 9.08 43.70
C THR B 206 -27.79 7.76 44.14
N SER B 207 -28.10 6.87 43.18
CA SER B 207 -28.71 5.57 43.35
C SER B 207 -27.83 4.60 44.15
N GLU B 208 -28.48 3.71 44.90
CA GLU B 208 -27.77 2.66 45.62
C GLU B 208 -27.40 1.50 44.65
N HIS B 209 -28.06 1.42 43.46
CA HIS B 209 -27.71 0.40 42.47
C HIS B 209 -26.65 0.88 41.44
N GLY B 210 -25.86 1.86 41.83
CA GLY B 210 -24.74 2.37 41.07
C GLY B 210 -25.04 3.22 39.86
N ALA B 211 -24.26 2.99 38.81
CA ALA B 211 -24.34 3.73 37.57
C ALA B 211 -25.55 3.33 36.77
N GLN B 212 -26.20 4.34 36.21
CA GLN B 212 -27.41 4.22 35.40
C GLN B 212 -27.20 4.95 34.05
N HIS B 213 -28.03 4.65 33.06
CA HIS B 213 -27.95 5.28 31.77
C HIS B 213 -29.29 5.31 31.05
N HIS B 214 -29.44 6.21 30.08
CA HIS B 214 -30.68 6.30 29.31
C HIS B 214 -30.33 6.64 27.87
N VAL B 215 -30.76 5.80 26.90
CA VAL B 215 -30.48 6.05 25.48
C VAL B 215 -31.61 6.81 24.79
N TYR B 216 -31.27 7.74 23.89
CA TYR B 216 -32.24 8.51 23.12
C TYR B 216 -31.79 8.61 21.68
N LYS B 217 -32.73 8.73 20.74
CA LYS B 217 -32.40 8.93 19.34
C LYS B 217 -32.37 10.45 19.06
N LEU B 218 -31.32 10.95 18.39
CA LEU B 218 -31.22 12.37 18.10
C LEU B 218 -31.91 12.68 16.79
N VAL B 219 -32.89 13.61 16.84
CA VAL B 219 -33.69 13.95 15.67
C VAL B 219 -33.70 15.46 15.38
N LYS B 220 -34.14 15.89 14.20
CA LYS B 220 -34.26 17.31 13.86
C LYS B 220 -35.70 17.47 13.33
N ASP B 221 -36.65 17.89 14.21
CA ASP B 221 -38.08 18.01 13.90
C ASP B 221 -38.80 16.64 13.98
N ARG C 4 -19.53 -2.00 -12.10
CA ARG C 4 -19.97 -3.31 -11.57
C ARG C 4 -18.78 -4.13 -10.96
N THR C 5 -19.09 -5.25 -10.26
CA THR C 5 -18.10 -6.09 -9.56
C THR C 5 -17.63 -7.34 -10.34
N ILE C 6 -16.31 -7.51 -10.41
CA ILE C 6 -15.68 -8.67 -11.01
C ILE C 6 -15.25 -9.58 -9.88
N ALA C 7 -15.80 -10.80 -9.81
CA ALA C 7 -15.47 -11.75 -8.76
C ALA C 7 -15.87 -13.17 -9.12
N SER C 8 -15.00 -14.12 -8.85
CA SER C 8 -15.29 -15.53 -9.05
C SER C 8 -15.64 -16.13 -7.67
N SER C 9 -15.80 -17.45 -7.57
CA SER C 9 -16.08 -18.09 -6.29
C SER C 9 -14.89 -18.01 -5.33
N ARG C 10 -13.66 -17.77 -5.86
CA ARG C 10 -12.39 -17.75 -5.12
C ARG C 10 -11.71 -16.39 -4.94
N LEU C 11 -11.78 -15.51 -5.94
CA LEU C 11 -11.09 -14.21 -5.87
C LEU C 11 -11.98 -13.08 -6.33
N ARG C 12 -11.78 -11.89 -5.76
CA ARG C 12 -12.58 -10.73 -6.14
C ARG C 12 -11.70 -9.57 -6.54
N LEU C 13 -11.82 -9.06 -7.78
CA LEU C 13 -11.08 -7.89 -8.19
C LEU C 13 -11.74 -6.68 -7.54
N LEU C 14 -11.10 -6.10 -6.50
CA LEU C 14 -11.61 -4.96 -5.79
C LEU C 14 -11.42 -3.69 -6.55
N GLU C 15 -10.24 -3.48 -7.16
CA GLU C 15 -9.95 -2.21 -7.82
C GLU C 15 -8.87 -2.37 -8.89
N TYR C 16 -8.86 -1.51 -9.92
CA TYR C 16 -7.87 -1.56 -10.98
C TYR C 16 -7.75 -0.22 -11.64
N SER C 17 -6.53 0.31 -11.83
CA SER C 17 -6.33 1.58 -12.52
C SER C 17 -5.00 1.64 -13.25
N ALA C 18 -5.02 2.12 -14.48
CA ALA C 18 -3.79 2.35 -15.25
C ALA C 18 -3.71 3.88 -15.35
N PHE C 19 -2.54 4.45 -15.05
CA PHE C 19 -2.41 5.89 -14.96
C PHE C 19 -1.02 6.38 -15.34
N MET C 20 -0.85 7.71 -15.42
CA MET C 20 0.42 8.35 -15.62
C MET C 20 0.55 9.52 -14.64
N GLU C 21 1.72 9.67 -14.00
CA GLU C 21 2.00 10.68 -13.00
C GLU C 21 3.13 11.61 -13.42
N VAL C 22 2.91 12.93 -13.28
CA VAL C 22 3.92 13.92 -13.58
C VAL C 22 4.21 14.78 -12.34
N GLN C 23 5.49 15.07 -12.08
CA GLN C 23 5.92 15.92 -10.98
C GLN C 23 6.00 17.36 -11.50
N ARG C 24 5.03 18.21 -11.15
CA ARG C 24 4.99 19.59 -11.64
C ARG C 24 5.84 20.57 -10.84
N ASP C 25 6.19 20.19 -9.58
CA ASP C 25 7.00 20.88 -8.55
C ASP C 25 7.64 19.74 -7.72
N PRO C 26 8.61 20.01 -6.80
CA PRO C 26 9.11 18.89 -5.96
C PRO C 26 8.05 18.32 -4.99
N ASP C 27 7.00 19.10 -4.70
CA ASP C 27 5.90 18.69 -3.83
C ASP C 27 4.57 18.57 -4.57
N THR C 28 4.52 18.83 -5.88
CA THR C 28 3.26 18.73 -6.62
C THR C 28 3.29 17.65 -7.67
N TYR C 29 2.27 16.77 -7.66
CA TYR C 29 2.12 15.61 -8.54
C TYR C 29 0.74 15.55 -9.21
N SER C 30 0.70 15.56 -10.56
CA SER C 30 -0.55 15.42 -11.26
C SER C 30 -0.70 13.99 -11.74
N LYS C 31 -1.89 13.44 -11.64
CA LYS C 31 -2.15 12.06 -12.06
C LYS C 31 -3.32 11.95 -13.02
N HIS C 32 -3.06 11.43 -14.24
CA HIS C 32 -4.10 11.22 -15.23
C HIS C 32 -4.41 9.74 -15.28
N LEU C 33 -5.68 9.36 -15.20
CA LEU C 33 -6.09 7.96 -15.28
C LEU C 33 -6.48 7.58 -16.70
N PHE C 34 -5.85 6.55 -17.27
CA PHE C 34 -6.24 6.08 -18.60
C PHE C 34 -7.52 5.28 -18.48
N VAL C 35 -7.57 4.33 -17.52
CA VAL C 35 -8.71 3.45 -17.25
C VAL C 35 -8.85 3.32 -15.71
N HIS C 36 -10.04 2.96 -15.23
N HIS C 36 -10.05 2.97 -15.22
CA HIS C 36 -10.26 2.78 -13.80
CA HIS C 36 -10.28 2.81 -13.78
C HIS C 36 -11.49 1.93 -13.48
C HIS C 36 -11.47 1.90 -13.50
N ILE C 37 -11.38 1.09 -12.46
CA ILE C 37 -12.45 0.21 -11.95
C ILE C 37 -12.33 0.42 -10.44
N GLY C 38 -13.32 1.07 -9.84
CA GLY C 38 -13.29 1.39 -8.43
C GLY C 38 -13.97 0.35 -7.57
N GLN C 39 -14.19 0.69 -6.28
CA GLN C 39 -14.85 -0.24 -5.35
C GLN C 39 -16.31 0.16 -5.12
N ASP C 46 -24.00 -5.91 -4.98
CA ASP C 46 -23.21 -6.28 -6.16
C ASP C 46 -24.14 -6.51 -7.36
N PRO C 47 -24.15 -5.59 -8.33
CA PRO C 47 -25.08 -5.73 -9.47
C PRO C 47 -24.84 -6.94 -10.39
N PRO C 48 -25.94 -7.47 -10.99
CA PRO C 48 -25.79 -8.60 -11.91
C PRO C 48 -25.17 -8.12 -13.23
N LEU C 49 -24.52 -9.03 -13.92
CA LEU C 49 -23.78 -8.71 -15.12
C LEU C 49 -24.41 -9.24 -16.38
N GLU C 50 -24.29 -8.48 -17.49
CA GLU C 50 -24.77 -8.88 -18.81
C GLU C 50 -23.80 -9.88 -19.39
N ALA C 51 -24.28 -10.94 -20.05
CA ALA C 51 -23.40 -11.98 -20.59
C ALA C 51 -22.99 -11.77 -22.04
N VAL C 52 -21.79 -12.26 -22.36
CA VAL C 52 -21.19 -12.23 -23.68
C VAL C 52 -20.71 -13.65 -23.94
N ASP C 53 -21.15 -14.24 -25.06
CA ASP C 53 -20.69 -15.59 -25.42
C ASP C 53 -19.23 -15.50 -25.80
N VAL C 54 -18.38 -16.27 -25.09
CA VAL C 54 -16.92 -16.32 -25.22
C VAL C 54 -16.46 -16.61 -26.65
N ARG C 55 -17.26 -17.36 -27.43
CA ARG C 55 -16.92 -17.69 -28.80
C ARG C 55 -16.91 -16.47 -29.74
N GLN C 56 -17.58 -15.37 -29.34
CA GLN C 56 -17.59 -14.14 -30.13
C GLN C 56 -16.27 -13.38 -30.08
N ILE C 57 -15.46 -13.61 -29.03
CA ILE C 57 -14.19 -12.90 -28.89
C ILE C 57 -12.97 -13.76 -29.28
N TYR C 58 -13.15 -15.09 -29.41
CA TYR C 58 -12.07 -16.04 -29.75
C TYR C 58 -11.16 -15.59 -30.91
N ASP C 59 -11.75 -15.10 -32.02
CA ASP C 59 -11.03 -14.65 -33.22
C ASP C 59 -10.06 -13.51 -32.92
N LYS C 60 -10.53 -12.55 -32.10
CA LYS C 60 -9.77 -11.39 -31.62
C LYS C 60 -8.64 -11.81 -30.65
N PHE C 61 -8.74 -13.01 -30.09
CA PHE C 61 -7.77 -13.68 -29.23
C PHE C 61 -7.46 -15.04 -29.93
N PRO C 62 -6.68 -15.04 -31.05
CA PRO C 62 -6.43 -16.31 -31.77
C PRO C 62 -5.23 -17.12 -31.25
N GLU C 63 -4.86 -16.90 -29.97
CA GLU C 63 -3.72 -17.54 -29.30
C GLU C 63 -4.03 -19.00 -28.87
N LYS C 64 -3.20 -19.96 -29.33
CA LYS C 64 -3.39 -21.39 -29.02
C LYS C 64 -2.93 -21.77 -27.59
N LYS C 65 -1.71 -22.37 -27.37
CA LYS C 65 -1.22 -22.80 -26.04
C LYS C 65 -1.35 -21.71 -24.95
N GLY C 66 -2.10 -22.03 -23.89
CA GLY C 66 -2.36 -21.11 -22.78
C GLY C 66 -3.31 -19.96 -23.11
N GLY C 67 -3.96 -20.04 -24.27
CA GLY C 67 -4.89 -19.03 -24.77
C GLY C 67 -6.25 -19.06 -24.12
N LEU C 68 -7.12 -18.15 -24.57
CA LEU C 68 -8.45 -18.02 -24.01
C LEU C 68 -9.26 -19.30 -24.08
N LYS C 69 -9.47 -19.90 -25.29
CA LYS C 69 -10.29 -21.12 -25.48
C LYS C 69 -9.83 -22.26 -24.59
N GLU C 70 -8.50 -22.46 -24.52
CA GLU C 70 -7.85 -23.47 -23.71
C GLU C 70 -8.19 -23.26 -22.25
N LEU C 71 -8.05 -22.01 -21.77
CA LEU C 71 -8.34 -21.64 -20.39
C LEU C 71 -9.82 -21.81 -20.03
N TYR C 72 -10.74 -21.34 -20.88
CA TYR C 72 -12.16 -21.46 -20.62
C TYR C 72 -12.57 -22.94 -20.49
N GLU C 73 -12.05 -23.81 -21.38
CA GLU C 73 -12.31 -25.25 -21.34
C GLU C 73 -11.83 -25.88 -20.05
N LYS C 74 -10.68 -25.44 -19.55
CA LYS C 74 -10.12 -25.90 -18.28
C LYS C 74 -11.07 -25.54 -17.13
N GLY C 75 -11.66 -24.36 -17.19
CA GLY C 75 -12.61 -23.88 -16.19
C GLY C 75 -11.95 -23.34 -14.93
N PRO C 76 -12.71 -22.88 -13.90
CA PRO C 76 -14.19 -22.82 -13.83
C PRO C 76 -14.74 -21.63 -14.60
N PRO C 77 -15.95 -21.76 -15.17
CA PRO C 77 -16.52 -20.63 -15.94
C PRO C 77 -16.84 -19.39 -15.11
N ASN C 78 -17.03 -19.54 -13.78
CA ASN C 78 -17.34 -18.42 -12.90
C ASN C 78 -16.21 -17.38 -12.75
N ALA C 79 -15.02 -17.73 -13.26
CA ALA C 79 -13.84 -16.89 -13.19
C ALA C 79 -13.61 -16.01 -14.42
N PHE C 80 -14.34 -16.23 -15.51
CA PHE C 80 -14.12 -15.50 -16.77
C PHE C 80 -14.98 -14.28 -16.94
N PHE C 81 -14.36 -13.15 -17.28
CA PHE C 81 -15.05 -11.88 -17.49
C PHE C 81 -14.46 -11.13 -18.67
N LEU C 82 -15.24 -10.25 -19.28
CA LEU C 82 -14.75 -9.37 -20.35
C LEU C 82 -14.97 -7.94 -19.89
N VAL C 83 -13.99 -7.07 -20.07
CA VAL C 83 -14.14 -5.67 -19.68
C VAL C 83 -13.91 -4.82 -20.90
N LYS C 84 -14.93 -4.04 -21.29
CA LYS C 84 -14.77 -3.12 -22.41
C LYS C 84 -14.34 -1.80 -21.76
N PHE C 85 -13.20 -1.26 -22.21
CA PHE C 85 -12.69 -0.01 -21.69
C PHE C 85 -12.76 1.04 -22.75
N TRP C 86 -13.06 2.27 -22.35
CA TRP C 86 -13.05 3.47 -23.20
C TRP C 86 -12.04 4.30 -22.50
N ALA C 87 -10.79 4.18 -22.91
CA ALA C 87 -9.67 4.84 -22.25
C ALA C 87 -9.61 6.34 -22.51
N ASP C 88 -9.28 7.11 -21.45
CA ASP C 88 -9.10 8.54 -21.56
C ASP C 88 -7.66 8.78 -21.99
N LEU C 89 -7.46 9.12 -23.27
CA LEU C 89 -6.10 9.42 -23.73
C LEU C 89 -5.86 10.91 -23.95
N ASN C 90 -6.74 11.78 -23.41
CA ASN C 90 -6.62 13.22 -23.55
C ASN C 90 -5.44 13.74 -22.73
N GLU C 95 2.38 15.26 -20.26
CA GLU C 95 3.54 14.53 -19.77
C GLU C 95 4.81 15.43 -19.67
N GLY C 96 5.30 15.91 -20.82
CA GLY C 96 6.51 16.72 -20.86
C GLY C 96 7.76 15.90 -20.67
N ALA C 99 8.03 11.16 -16.56
CA ALA C 99 6.66 10.77 -16.19
C ALA C 99 6.60 9.28 -15.78
N PHE C 100 5.72 8.94 -14.84
CA PHE C 100 5.59 7.57 -14.38
C PHE C 100 4.34 6.94 -14.97
N TYR C 101 4.47 5.87 -15.77
CA TYR C 101 3.31 5.16 -16.30
C TYR C 101 3.22 3.89 -15.45
N GLY C 102 2.11 3.70 -14.75
CA GLY C 102 1.95 2.55 -13.88
C GLY C 102 0.55 1.99 -13.82
N VAL C 103 0.42 0.85 -13.16
CA VAL C 103 -0.84 0.14 -13.00
C VAL C 103 -0.96 -0.26 -11.53
N SER C 104 -2.10 0.03 -10.92
CA SER C 104 -2.35 -0.33 -9.53
C SER C 104 -3.62 -1.19 -9.48
N SER C 105 -3.58 -2.31 -8.75
CA SER C 105 -4.75 -3.15 -8.64
C SER C 105 -4.84 -3.82 -7.26
N GLN C 106 -6.02 -4.34 -6.90
CA GLN C 106 -6.26 -5.03 -5.63
C GLN C 106 -7.28 -6.15 -5.80
N TYR C 107 -7.04 -7.27 -5.14
CA TYR C 107 -7.95 -8.40 -5.13
C TYR C 107 -8.13 -8.83 -3.68
N SER C 108 -9.22 -9.52 -3.40
CA SER C 108 -9.45 -10.06 -2.06
C SER C 108 -10.03 -11.47 -2.12
N SER C 109 -9.81 -12.25 -1.07
CA SER C 109 -10.35 -13.59 -0.99
C SER C 109 -10.64 -14.00 0.45
N ALA C 110 -11.47 -15.02 0.62
CA ALA C 110 -11.78 -15.56 1.94
C ALA C 110 -10.68 -16.54 2.39
N ASP C 111 -9.87 -17.11 1.47
CA ASP C 111 -8.80 -18.04 1.80
C ASP C 111 -7.44 -17.37 1.70
N SER C 112 -6.48 -17.83 2.50
CA SER C 112 -5.13 -17.28 2.43
C SER C 112 -4.36 -18.10 1.40
N MET C 113 -4.05 -17.52 0.24
CA MET C 113 -3.33 -18.24 -0.81
C MET C 113 -2.34 -17.33 -1.55
N THR C 114 -1.22 -17.86 -2.11
CA THR C 114 -0.31 -17.00 -2.87
C THR C 114 -0.79 -17.00 -4.30
N ILE C 115 -1.01 -15.82 -4.88
CA ILE C 115 -1.52 -15.74 -6.24
C ILE C 115 -0.46 -15.33 -7.26
N SER C 116 -0.68 -15.66 -8.53
CA SER C 116 0.24 -15.29 -9.60
C SER C 116 -0.54 -14.50 -10.62
N VAL C 117 -0.22 -13.22 -10.80
CA VAL C 117 -0.93 -12.38 -11.77
C VAL C 117 -0.15 -12.29 -13.05
N SER C 118 -0.68 -12.86 -14.12
CA SER C 118 -0.02 -12.90 -15.41
C SER C 118 -0.76 -12.03 -16.36
N THR C 119 -0.13 -10.95 -16.84
CA THR C 119 -0.75 -10.04 -17.81
C THR C 119 -0.12 -10.30 -19.13
N LYS C 120 -0.92 -10.57 -20.17
CA LYS C 120 -0.41 -10.82 -21.52
C LYS C 120 -0.92 -9.80 -22.52
N VAL C 121 -0.01 -8.99 -23.10
CA VAL C 121 -0.39 -8.04 -24.13
C VAL C 121 -0.31 -8.69 -25.52
N CYS C 122 -1.42 -8.68 -26.28
CA CYS C 122 -1.46 -9.28 -27.63
C CYS C 122 -1.72 -8.21 -28.70
N SER C 123 -0.93 -8.19 -29.76
CA SER C 123 -1.09 -7.20 -30.81
C SER C 123 -1.06 -7.89 -32.15
N PHE C 124 -2.13 -7.76 -32.95
CA PHE C 124 -2.25 -8.42 -34.26
C PHE C 124 -2.12 -9.95 -34.12
N GLY C 125 -2.83 -10.54 -33.15
CA GLY C 125 -2.87 -11.97 -32.87
C GLY C 125 -1.55 -12.60 -32.46
N LYS C 126 -0.65 -11.78 -31.94
CA LYS C 126 0.64 -12.26 -31.49
C LYS C 126 0.87 -11.77 -30.04
N GLN C 127 1.30 -12.65 -29.08
CA GLN C 127 1.60 -12.15 -27.73
C GLN C 127 2.93 -11.44 -27.78
N VAL C 128 2.99 -10.15 -27.43
CA VAL C 128 4.23 -9.38 -27.55
C VAL C 128 4.90 -9.14 -26.22
N VAL C 129 4.13 -9.01 -25.15
CA VAL C 129 4.66 -8.77 -23.81
C VAL C 129 3.93 -9.65 -22.82
N GLU C 130 4.62 -10.14 -21.81
CA GLU C 130 3.97 -10.82 -20.70
C GLU C 130 4.62 -10.37 -19.38
N LYS C 131 3.84 -10.15 -18.31
CA LYS C 131 4.47 -9.79 -17.06
C LYS C 131 3.82 -10.59 -15.98
N VAL C 132 4.62 -11.36 -15.23
CA VAL C 132 4.14 -12.21 -14.16
C VAL C 132 4.53 -11.64 -12.79
N GLU C 133 3.59 -11.55 -11.84
CA GLU C 133 3.88 -11.00 -10.51
C GLU C 133 3.27 -11.86 -9.47
N THR C 134 4.04 -12.46 -8.57
CA THR C 134 3.49 -13.25 -7.48
C THR C 134 3.06 -12.29 -6.36
N GLU C 135 1.89 -12.54 -5.77
CA GLU C 135 1.37 -11.68 -4.73
C GLU C 135 0.99 -12.51 -3.50
N TYR C 136 1.39 -12.04 -2.32
CA TYR C 136 1.09 -12.75 -1.08
C TYR C 136 -0.08 -12.09 -0.36
N ALA C 137 -0.91 -12.92 0.30
CA ALA C 137 -2.09 -12.48 1.03
C ALA C 137 -1.75 -11.81 2.35
N ARG C 138 -2.47 -10.72 2.67
CA ARG C 138 -2.32 -9.94 3.89
C ARG C 138 -3.68 -9.95 4.59
N LEU C 139 -3.75 -10.42 5.86
CA LEU C 139 -5.01 -10.45 6.60
C LEU C 139 -5.48 -9.04 6.91
N GLU C 140 -6.75 -8.73 6.60
CA GLU C 140 -7.31 -7.42 6.83
C GLU C 140 -8.81 -7.46 6.97
N ASN C 141 -9.30 -7.18 8.20
CA ASN C 141 -10.71 -7.16 8.53
C ASN C 141 -11.39 -8.46 8.15
N GLY C 142 -10.79 -9.58 8.56
CA GLY C 142 -11.31 -10.91 8.29
C GLY C 142 -11.15 -11.42 6.87
N ARG C 143 -10.67 -10.58 5.96
CA ARG C 143 -10.45 -11.00 4.57
C ARG C 143 -8.98 -10.96 4.18
N PHE C 144 -8.63 -11.60 3.05
CA PHE C 144 -7.24 -11.60 2.58
C PHE C 144 -7.11 -10.64 1.44
N VAL C 145 -6.17 -9.70 1.54
CA VAL C 145 -6.01 -8.65 0.55
C VAL C 145 -4.68 -8.78 -0.20
N TYR C 146 -4.74 -8.67 -1.53
CA TYR C 146 -3.58 -8.71 -2.41
C TYR C 146 -3.46 -7.33 -3.02
N ARG C 147 -2.32 -6.67 -2.83
CA ARG C 147 -2.13 -5.32 -3.37
C ARG C 147 -1.00 -5.23 -4.35
N ILE C 148 -1.28 -4.68 -5.52
CA ILE C 148 -0.24 -4.43 -6.50
C ILE C 148 -0.24 -2.92 -6.63
N HIS C 149 0.81 -2.29 -6.09
CA HIS C 149 0.90 -0.86 -6.05
C HIS C 149 1.92 -0.30 -7.01
N ARG C 150 1.48 0.64 -7.87
CA ARG C 150 2.32 1.33 -8.85
C ARG C 150 3.27 0.39 -9.61
N SER C 151 2.75 -0.67 -10.23
CA SER C 151 3.59 -1.59 -11.01
C SER C 151 3.89 -0.88 -12.32
N PRO C 152 5.15 -0.50 -12.58
CA PRO C 152 5.44 0.28 -13.79
C PRO C 152 5.12 -0.41 -15.10
N MET C 153 4.53 0.35 -16.03
CA MET C 153 4.19 -0.15 -17.37
C MET C 153 5.49 -0.37 -18.11
N CYS C 154 5.53 -1.41 -18.94
CA CYS C 154 6.69 -1.67 -19.75
C CYS C 154 6.72 -0.64 -20.88
N GLU C 155 7.93 -0.39 -21.44
CA GLU C 155 8.11 0.59 -22.51
C GLU C 155 7.30 0.24 -23.74
N TYR C 156 6.93 -1.04 -23.94
CA TYR C 156 6.06 -1.40 -25.07
C TYR C 156 4.72 -0.66 -24.95
N MET C 157 4.16 -0.67 -23.74
CA MET C 157 2.90 -0.03 -23.44
C MET C 157 2.99 1.46 -23.47
N ILE C 158 4.08 2.01 -22.93
CA ILE C 158 4.28 3.46 -22.94
C ILE C 158 4.40 4.00 -24.36
N ASN C 159 5.10 3.27 -25.20
CA ASN C 159 5.27 3.64 -26.59
C ASN C 159 3.97 3.49 -27.38
N PHE C 160 3.21 2.42 -27.09
CA PHE C 160 1.94 2.17 -27.77
C PHE C 160 0.96 3.32 -27.51
N ILE C 161 0.90 3.79 -26.25
CA ILE C 161 0.05 4.89 -25.84
C ILE C 161 0.49 6.19 -26.53
N HIS C 162 1.81 6.43 -26.62
CA HIS C 162 2.34 7.61 -27.29
C HIS C 162 1.97 7.62 -28.76
N LYS C 163 2.10 6.44 -29.40
CA LYS C 163 1.72 6.20 -30.79
C LYS C 163 0.26 6.57 -31.01
N LEU C 164 -0.66 6.02 -30.21
CA LEU C 164 -2.07 6.30 -30.36
C LEU C 164 -2.39 7.77 -30.16
N LYS C 165 -1.84 8.41 -29.09
CA LYS C 165 -2.09 9.84 -28.83
C LYS C 165 -1.71 10.69 -30.06
N HIS C 166 -0.65 10.31 -30.78
CA HIS C 166 -0.18 11.04 -31.96
C HIS C 166 -1.02 10.85 -33.21
N LEU C 167 -2.03 9.97 -33.19
CA LEU C 167 -2.87 9.78 -34.38
C LEU C 167 -3.85 10.95 -34.44
N PRO C 168 -4.07 11.55 -35.63
CA PRO C 168 -4.94 12.75 -35.68
C PRO C 168 -6.42 12.54 -35.42
N GLU C 169 -6.92 11.30 -35.57
CA GLU C 169 -8.35 11.05 -35.36
C GLU C 169 -8.62 9.91 -34.39
N LYS C 170 -9.70 10.05 -33.60
CA LYS C 170 -10.07 9.03 -32.63
C LYS C 170 -10.58 7.75 -33.29
N TYR C 171 -11.12 7.83 -34.52
CA TYR C 171 -11.54 6.62 -35.23
C TYR C 171 -10.32 5.79 -35.66
N MET C 172 -9.20 6.44 -35.94
CA MET C 172 -7.98 5.75 -36.33
C MET C 172 -7.44 4.97 -35.14
N MET C 173 -7.47 5.55 -33.91
CA MET C 173 -7.01 4.84 -32.72
C MET C 173 -7.87 3.62 -32.47
N ASN C 174 -9.18 3.77 -32.62
CA ASN C 174 -10.10 2.67 -32.46
C ASN C 174 -9.85 1.54 -33.45
N SER C 175 -9.35 1.84 -34.64
CA SER C 175 -9.08 0.82 -35.65
C SER C 175 -7.83 0.01 -35.30
N VAL C 176 -6.80 0.68 -34.72
CA VAL C 176 -5.59 0.00 -34.27
C VAL C 176 -5.98 -0.83 -33.06
N LEU C 177 -6.70 -0.24 -32.11
CA LEU C 177 -7.17 -0.91 -30.91
C LEU C 177 -8.03 -2.14 -31.18
N GLU C 178 -8.57 -2.28 -32.39
CA GLU C 178 -9.33 -3.47 -32.77
C GLU C 178 -8.44 -4.71 -32.74
N ASN C 179 -7.13 -4.54 -32.93
CA ASN C 179 -6.14 -5.61 -32.96
C ASN C 179 -5.24 -5.61 -31.73
N PHE C 180 -5.75 -5.13 -30.61
CA PHE C 180 -4.98 -5.08 -29.38
C PHE C 180 -5.87 -5.59 -28.31
N THR C 181 -5.38 -6.57 -27.57
CA THR C 181 -6.11 -7.07 -26.42
C THR C 181 -5.10 -7.28 -25.26
N ILE C 182 -5.60 -7.37 -24.04
CA ILE C 182 -4.76 -7.67 -22.89
C ILE C 182 -5.51 -8.76 -22.13
N LEU C 183 -4.89 -9.92 -21.88
CA LEU C 183 -5.58 -10.99 -21.15
C LEU C 183 -4.95 -11.16 -19.80
N GLN C 184 -5.71 -10.95 -18.72
CA GLN C 184 -5.17 -11.09 -17.38
C GLN C 184 -5.58 -12.37 -16.71
N VAL C 185 -4.61 -13.24 -16.37
CA VAL C 185 -4.90 -14.52 -15.71
C VAL C 185 -4.34 -14.62 -14.28
N VAL C 186 -5.20 -14.72 -13.28
CA VAL C 186 -4.75 -14.87 -11.89
C VAL C 186 -4.91 -16.33 -11.53
N THR C 187 -3.84 -16.99 -11.10
CA THR C 187 -3.91 -18.40 -10.72
C THR C 187 -3.38 -18.58 -9.29
N SER C 188 -3.75 -19.69 -8.63
CA SER C 188 -3.20 -20.01 -7.32
C SER C 188 -1.75 -20.47 -7.63
N ARG C 189 -0.72 -19.73 -7.16
CA ARG C 189 0.69 -20.02 -7.50
C ARG C 189 1.11 -21.49 -7.42
N ASP C 190 0.76 -22.16 -6.33
CA ASP C 190 1.16 -23.53 -6.11
C ASP C 190 0.30 -24.57 -6.87
N SER C 191 -1.04 -24.51 -6.73
CA SER C 191 -1.91 -25.47 -7.44
C SER C 191 -2.06 -25.22 -8.95
N GLN C 192 -1.82 -23.96 -9.38
CA GLN C 192 -1.98 -23.44 -10.74
C GLN C 192 -3.45 -23.41 -11.20
N GLU C 193 -4.38 -23.41 -10.24
CA GLU C 193 -5.80 -23.41 -10.48
C GLU C 193 -6.26 -21.99 -10.82
N THR C 194 -7.05 -21.85 -11.90
CA THR C 194 -7.55 -20.55 -12.35
C THR C 194 -8.41 -19.90 -11.30
N LEU C 195 -8.07 -18.67 -10.91
CA LEU C 195 -8.85 -17.93 -9.92
C LEU C 195 -9.70 -16.87 -10.57
N LEU C 196 -9.16 -16.18 -11.58
CA LEU C 196 -9.85 -15.09 -12.24
C LEU C 196 -9.21 -14.83 -13.59
N VAL C 197 -10.01 -14.61 -14.62
CA VAL C 197 -9.50 -14.31 -15.95
C VAL C 197 -10.28 -13.12 -16.49
N ILE C 198 -9.58 -12.04 -16.84
CA ILE C 198 -10.26 -10.85 -17.36
C ILE C 198 -9.71 -10.51 -18.74
N ALA C 199 -10.54 -10.58 -19.77
CA ALA C 199 -10.13 -10.20 -21.12
C ALA C 199 -10.41 -8.70 -21.24
N PHE C 200 -9.42 -7.91 -21.64
CA PHE C 200 -9.60 -6.48 -21.75
C PHE C 200 -9.62 -6.05 -23.20
N VAL C 201 -10.67 -5.34 -23.60
CA VAL C 201 -10.78 -4.80 -24.94
C VAL C 201 -10.90 -3.27 -24.83
N PHE C 202 -10.32 -2.54 -25.78
CA PHE C 202 -10.23 -1.09 -25.68
C PHE C 202 -10.74 -0.25 -26.86
N GLU C 203 -11.21 0.92 -26.51
CA GLU C 203 -11.59 1.99 -27.41
C GLU C 203 -11.15 3.32 -26.74
N VAL C 204 -11.04 4.40 -27.52
CA VAL C 204 -10.69 5.70 -26.96
C VAL C 204 -11.99 6.44 -26.59
N SER C 205 -12.06 6.96 -25.37
CA SER C 205 -13.25 7.64 -24.90
C SER C 205 -13.40 9.01 -25.53
N THR C 206 -14.58 9.27 -26.07
CA THR C 206 -14.96 10.57 -26.66
C THR C 206 -15.87 11.39 -25.72
N SER C 207 -16.28 10.79 -24.59
CA SER C 207 -17.12 11.36 -23.55
C SER C 207 -16.48 12.55 -22.86
N GLU C 208 -17.31 13.48 -22.40
CA GLU C 208 -16.87 14.64 -21.62
C GLU C 208 -16.64 14.22 -20.13
N HIS C 209 -17.20 13.06 -19.68
CA HIS C 209 -17.00 12.53 -18.34
C HIS C 209 -15.79 11.56 -18.26
N GLY C 210 -14.88 11.63 -19.24
CA GLY C 210 -13.65 10.85 -19.29
C GLY C 210 -13.73 9.38 -19.64
N ALA C 211 -12.97 8.57 -18.90
CA ALA C 211 -12.88 7.13 -19.11
C ALA C 211 -14.09 6.46 -18.61
N GLN C 212 -14.54 5.50 -19.40
CA GLN C 212 -15.72 4.68 -19.10
C GLN C 212 -15.34 3.18 -19.21
N HIS C 213 -16.17 2.31 -18.64
CA HIS C 213 -15.95 0.88 -18.71
C HIS C 213 -17.25 0.12 -18.59
N HIS C 214 -17.26 -1.11 -19.05
CA HIS C 214 -18.43 -1.95 -18.95
C HIS C 214 -18.01 -3.38 -18.76
N VAL C 215 -18.48 -3.99 -17.67
CA VAL C 215 -18.14 -5.36 -17.35
C VAL C 215 -19.16 -6.32 -17.93
N TYR C 216 -18.71 -7.48 -18.44
CA TYR C 216 -19.57 -8.53 -18.93
C TYR C 216 -19.10 -9.88 -18.43
N LYS C 217 -20.03 -10.83 -18.26
CA LYS C 217 -19.66 -12.15 -17.83
C LYS C 217 -19.48 -13.01 -19.08
N LEU C 218 -18.37 -13.75 -19.19
CA LEU C 218 -18.11 -14.58 -20.38
C LEU C 218 -18.78 -15.94 -20.20
N VAL C 219 -19.67 -16.30 -21.12
CA VAL C 219 -20.43 -17.54 -21.04
C VAL C 219 -20.29 -18.40 -22.32
N LYS C 220 -20.68 -19.67 -22.26
CA LYS C 220 -20.67 -20.56 -23.44
C LYS C 220 -22.05 -21.18 -23.46
N ASP C 221 -22.98 -20.59 -24.24
CA ASP C 221 -24.41 -20.99 -24.32
C ASP C 221 -25.24 -20.44 -23.14
N ARG D 4 33.51 -17.47 -15.39
CA ARG D 4 33.79 -16.16 -14.77
C ARG D 4 32.53 -15.53 -14.06
N THR D 5 32.73 -14.50 -13.20
CA THR D 5 31.65 -13.89 -12.39
C THR D 5 31.00 -12.64 -13.01
N ILE D 6 29.65 -12.66 -13.09
CA ILE D 6 28.85 -11.54 -13.58
C ILE D 6 28.20 -10.87 -12.38
N ALA D 7 28.63 -9.67 -12.04
CA ALA D 7 28.10 -8.95 -10.88
C ALA D 7 28.37 -7.48 -11.00
N SER D 8 27.41 -6.69 -10.59
CA SER D 8 27.56 -5.24 -10.55
C SER D 8 27.76 -4.85 -9.05
N SER D 9 27.81 -3.55 -8.77
CA SER D 9 27.98 -3.07 -7.40
C SER D 9 26.75 -3.35 -6.53
N ARG D 10 25.57 -3.62 -7.17
CA ARG D 10 24.25 -3.84 -6.53
C ARG D 10 23.68 -5.25 -6.61
N LEU D 11 23.76 -5.89 -7.79
CA LEU D 11 23.23 -7.26 -7.97
C LEU D 11 24.28 -8.27 -8.51
N ARG D 12 24.22 -9.51 -8.06
CA ARG D 12 25.11 -10.57 -8.52
C ARG D 12 24.31 -11.68 -9.27
N LEU D 13 24.69 -12.12 -10.48
CA LEU D 13 24.02 -13.28 -11.11
C LEU D 13 24.74 -14.50 -10.54
N LEU D 14 24.01 -15.33 -9.83
CA LEU D 14 24.60 -16.52 -9.24
C LEU D 14 24.56 -17.69 -10.20
N GLU D 15 23.48 -17.81 -10.98
CA GLU D 15 23.29 -18.97 -11.84
C GLU D 15 22.24 -18.69 -12.92
N TYR D 16 22.32 -19.36 -14.07
CA TYR D 16 21.36 -19.20 -15.16
C TYR D 16 21.34 -20.45 -16.06
N SER D 17 20.17 -20.98 -16.42
CA SER D 17 20.09 -22.10 -17.33
C SER D 17 18.79 -22.09 -18.11
N ALA D 18 18.84 -22.49 -19.36
CA ALA D 18 17.67 -22.66 -20.20
C ALA D 18 17.70 -24.14 -20.54
N PHE D 19 16.56 -24.81 -20.43
CA PHE D 19 16.52 -26.25 -20.59
C PHE D 19 15.18 -26.76 -21.10
N MET D 20 15.10 -28.07 -21.42
CA MET D 20 13.87 -28.73 -21.77
C MET D 20 13.78 -30.06 -21.00
N GLU D 21 12.61 -30.36 -20.46
CA GLU D 21 12.38 -31.52 -19.58
C GLU D 21 11.31 -32.38 -20.13
N VAL D 22 11.54 -33.69 -20.15
CA VAL D 22 10.53 -34.64 -20.60
C VAL D 22 10.24 -35.64 -19.47
N GLN D 23 8.97 -35.84 -19.13
CA GLN D 23 8.61 -36.86 -18.13
C GLN D 23 7.86 -37.95 -18.92
N ARG D 24 8.64 -38.76 -19.69
CA ARG D 24 8.17 -39.84 -20.57
C ARG D 24 7.08 -40.71 -19.93
N ASP D 25 7.17 -40.96 -18.61
CA ASP D 25 6.21 -41.71 -17.79
C ASP D 25 6.44 -41.35 -16.31
N PRO D 26 5.69 -41.88 -15.31
CA PRO D 26 5.88 -41.44 -13.91
C PRO D 26 7.22 -41.85 -13.28
N ASP D 27 7.93 -42.79 -13.91
CA ASP D 27 9.25 -43.21 -13.44
C ASP D 27 10.38 -42.76 -14.37
N THR D 28 10.09 -42.16 -15.52
CA THR D 28 11.13 -41.75 -16.44
C THR D 28 11.16 -40.24 -16.63
N TYR D 29 12.32 -39.65 -16.38
CA TYR D 29 12.50 -38.21 -16.46
C TYR D 29 13.82 -37.89 -17.12
N SER D 30 13.83 -36.89 -18.03
CA SER D 30 15.07 -36.45 -18.71
C SER D 30 15.16 -34.93 -18.82
N LYS D 31 16.36 -34.37 -18.69
CA LYS D 31 16.56 -32.92 -18.80
C LYS D 31 17.71 -32.58 -19.71
N HIS D 32 17.47 -31.83 -20.80
CA HIS D 32 18.52 -31.38 -21.69
C HIS D 32 18.76 -29.88 -21.46
N LEU D 33 20.01 -29.46 -21.25
CA LEU D 33 20.32 -28.06 -21.07
C LEU D 33 20.73 -27.41 -22.40
N PHE D 34 20.06 -26.32 -22.81
CA PHE D 34 20.46 -25.61 -24.02
C PHE D 34 21.66 -24.77 -23.69
N VAL D 35 21.62 -24.00 -22.59
CA VAL D 35 22.69 -23.12 -22.11
C VAL D 35 22.79 -23.23 -20.58
N HIS D 36 23.94 -22.87 -20.01
CA HIS D 36 24.18 -22.95 -18.57
C HIS D 36 25.24 -21.94 -18.12
N ILE D 37 25.10 -21.42 -16.89
CA ILE D 37 26.05 -20.59 -16.16
C ILE D 37 25.87 -21.07 -14.71
N GLY D 38 26.86 -21.78 -14.20
CA GLY D 38 26.77 -22.37 -12.87
C GLY D 38 27.29 -21.48 -11.77
N GLN D 39 27.33 -22.02 -10.55
CA GLN D 39 27.73 -21.24 -9.37
C GLN D 39 29.24 -21.14 -9.10
N THR D 40 29.82 -19.93 -9.28
CA THR D 40 31.23 -19.69 -9.01
C THR D 40 31.50 -19.56 -7.50
N PRO D 48 40.82 -11.12 -14.63
CA PRO D 48 41.19 -11.38 -16.01
C PRO D 48 40.05 -11.22 -17.02
N LEU D 49 38.90 -10.62 -16.61
CA LEU D 49 37.78 -10.43 -17.54
C LEU D 49 38.20 -9.62 -18.80
N GLU D 50 37.56 -9.90 -19.95
CA GLU D 50 37.91 -9.26 -21.20
C GLU D 50 36.81 -8.34 -21.62
N ALA D 51 37.15 -7.19 -22.15
CA ALA D 51 36.17 -6.19 -22.54
C ALA D 51 35.75 -6.24 -24.00
N VAL D 52 34.51 -5.82 -24.26
CA VAL D 52 33.92 -5.69 -25.58
C VAL D 52 33.29 -4.31 -25.63
N ASP D 53 33.64 -3.51 -26.65
CA ASP D 53 33.07 -2.18 -26.78
C ASP D 53 31.60 -2.32 -27.14
N VAL D 54 30.71 -1.73 -26.31
CA VAL D 54 29.26 -1.76 -26.40
C VAL D 54 28.74 -1.29 -27.75
N ARG D 55 29.46 -0.37 -28.41
CA ARG D 55 29.05 0.15 -29.71
C ARG D 55 29.08 -0.88 -30.81
N GLN D 56 29.82 -1.99 -30.63
CA GLN D 56 29.90 -3.07 -31.61
C GLN D 56 28.62 -3.91 -31.66
N ILE D 57 27.84 -3.93 -30.57
CA ILE D 57 26.62 -4.74 -30.51
C ILE D 57 25.34 -3.91 -30.68
N TYR D 58 25.41 -2.56 -30.60
CA TYR D 58 24.27 -1.65 -30.76
C TYR D 58 23.31 -2.01 -31.90
N ASP D 59 23.85 -2.28 -33.11
CA ASP D 59 23.07 -2.63 -34.31
C ASP D 59 22.13 -3.82 -34.11
N LYS D 60 22.53 -4.80 -33.28
CA LYS D 60 21.76 -6.04 -33.06
C LYS D 60 20.87 -6.04 -31.80
N PHE D 61 20.92 -4.97 -31.00
CA PHE D 61 20.10 -4.83 -29.79
C PHE D 61 19.09 -3.68 -29.93
N PRO D 62 17.97 -3.70 -29.18
CA PRO D 62 16.93 -2.69 -29.41
C PRO D 62 17.41 -1.33 -28.99
N GLU D 63 17.22 -0.33 -29.85
CA GLU D 63 17.67 1.03 -29.56
C GLU D 63 16.47 2.00 -29.35
N LYS D 64 16.71 3.34 -29.42
CA LYS D 64 15.69 4.37 -29.17
C LYS D 64 15.25 4.35 -27.67
N LYS D 65 14.04 4.82 -27.30
CA LYS D 65 13.58 4.85 -25.91
C LYS D 65 13.68 3.49 -25.20
N GLY D 66 14.41 3.46 -24.09
CA GLY D 66 14.64 2.24 -23.32
C GLY D 66 15.62 1.27 -23.94
N GLY D 67 16.33 1.71 -24.97
CA GLY D 67 17.28 0.88 -25.69
C GLY D 67 18.57 0.62 -24.94
N LEU D 68 19.45 -0.14 -25.58
CA LEU D 68 20.75 -0.50 -25.01
C LEU D 68 21.72 0.70 -24.93
N LYS D 69 21.60 1.64 -25.86
CA LYS D 69 22.44 2.83 -25.86
C LYS D 69 21.97 3.76 -24.76
N GLU D 70 20.66 3.95 -24.62
CA GLU D 70 20.11 4.81 -23.57
C GLU D 70 20.37 4.18 -22.20
N LEU D 71 20.28 2.85 -22.09
CA LEU D 71 20.52 2.15 -20.82
C LEU D 71 21.95 2.34 -20.37
N TYR D 72 22.90 2.17 -21.31
CA TYR D 72 24.33 2.33 -21.04
C TYR D 72 24.65 3.77 -20.62
N GLU D 73 24.10 4.77 -21.35
CA GLU D 73 24.30 6.20 -21.04
C GLU D 73 23.73 6.54 -19.67
N LYS D 74 22.57 5.97 -19.32
CA LYS D 74 21.96 6.16 -18.00
C LYS D 74 22.87 5.60 -16.91
N GLY D 75 23.52 4.48 -17.19
CA GLY D 75 24.47 3.85 -16.27
C GLY D 75 23.80 3.03 -15.19
N PRO D 76 24.59 2.45 -14.25
CA PRO D 76 26.07 2.50 -14.12
C PRO D 76 26.74 1.52 -15.08
N PRO D 77 27.95 1.84 -15.58
CA PRO D 77 28.60 0.92 -16.53
C PRO D 77 29.01 -0.42 -15.91
N ASN D 78 29.16 -0.49 -14.57
CA ASN D 78 29.54 -1.72 -13.86
C ASN D 78 28.48 -2.83 -13.93
N ALA D 79 27.28 -2.50 -14.42
CA ALA D 79 26.19 -3.43 -14.51
C ALA D 79 26.06 -4.10 -15.89
N PHE D 80 26.79 -3.64 -16.92
CA PHE D 80 26.65 -4.17 -18.28
C PHE D 80 27.62 -5.27 -18.64
N PHE D 81 27.12 -6.38 -19.17
CA PHE D 81 27.94 -7.53 -19.55
C PHE D 81 27.45 -8.14 -20.84
N LEU D 82 28.33 -8.85 -21.56
CA LEU D 82 27.93 -9.58 -22.76
C LEU D 82 28.30 -11.06 -22.52
N VAL D 83 27.40 -11.98 -22.88
CA VAL D 83 27.67 -13.41 -22.71
C VAL D 83 27.53 -14.05 -24.05
N LYS D 84 28.59 -14.69 -24.54
CA LYS D 84 28.53 -15.43 -25.80
C LYS D 84 28.17 -16.87 -25.42
N PHE D 85 27.10 -17.40 -25.98
CA PHE D 85 26.69 -18.76 -25.71
C PHE D 85 26.86 -19.64 -26.94
N TRP D 86 27.23 -20.88 -26.71
CA TRP D 86 27.31 -21.91 -27.75
C TRP D 86 26.30 -22.88 -27.25
N ALA D 87 25.06 -22.76 -27.70
CA ALA D 87 23.94 -23.58 -27.23
C ALA D 87 23.94 -25.00 -27.72
N ASP D 88 23.60 -25.94 -26.85
CA ASP D 88 23.52 -27.35 -27.21
C ASP D 88 22.14 -27.60 -27.75
N LEU D 89 22.00 -27.71 -29.08
CA LEU D 89 20.70 -28.00 -29.67
C LEU D 89 20.59 -29.43 -30.20
N ASN D 90 21.45 -30.33 -29.73
CA ASN D 90 21.44 -31.72 -30.14
C ASN D 90 20.24 -32.40 -29.50
N SER D 91 19.52 -33.19 -30.29
CA SER D 91 18.35 -33.90 -29.79
C SER D 91 18.83 -35.16 -29.06
N THR D 92 19.31 -34.96 -27.81
CA THR D 92 19.85 -36.03 -26.99
C THR D 92 18.75 -36.87 -26.29
N ILE D 93 17.52 -36.32 -26.15
CA ILE D 93 16.37 -37.01 -25.57
C ILE D 93 15.16 -36.90 -26.50
N GLN D 94 14.22 -37.84 -26.42
CA GLN D 94 13.02 -37.77 -27.26
C GLN D 94 12.07 -36.75 -26.61
N GLU D 95 11.71 -35.70 -27.37
CA GLU D 95 10.86 -34.60 -26.90
C GLU D 95 9.44 -35.03 -26.50
N GLY D 98 4.49 -33.77 -24.30
CA GLY D 98 4.33 -33.00 -23.06
C GLY D 98 5.65 -32.47 -22.47
N ALA D 99 6.50 -31.87 -23.33
CA ALA D 99 7.79 -31.35 -22.92
C ALA D 99 7.71 -29.97 -22.31
N PHE D 100 8.59 -29.70 -21.33
CA PHE D 100 8.61 -28.42 -20.68
C PHE D 100 9.85 -27.65 -21.09
N TYR D 101 9.69 -26.46 -21.69
CA TYR D 101 10.81 -25.60 -22.02
C TYR D 101 10.80 -24.49 -20.99
N GLY D 102 11.86 -24.38 -20.23
CA GLY D 102 11.92 -23.41 -19.16
C GLY D 102 13.28 -22.80 -18.95
N VAL D 103 13.33 -21.81 -18.07
CA VAL D 103 14.53 -21.07 -17.72
C VAL D 103 14.58 -20.95 -16.20
N SER D 104 15.72 -21.26 -15.60
CA SER D 104 15.92 -21.16 -14.16
C SER D 104 17.12 -20.25 -13.93
N SER D 105 16.95 -19.24 -13.09
CA SER D 105 18.04 -18.30 -12.81
C SER D 105 18.04 -17.85 -11.35
N GLN D 106 19.17 -17.33 -10.87
CA GLN D 106 19.29 -16.95 -9.48
C GLN D 106 20.24 -15.77 -9.35
N TYR D 107 19.94 -14.87 -8.40
CA TYR D 107 20.67 -13.63 -8.16
C TYR D 107 20.86 -13.37 -6.65
N SER D 108 21.77 -12.46 -6.26
CA SER D 108 21.90 -12.08 -4.86
C SER D 108 22.28 -10.64 -4.67
N SER D 109 21.91 -10.04 -3.54
CA SER D 109 22.28 -8.66 -3.23
C SER D 109 22.45 -8.46 -1.73
N ALA D 110 23.15 -7.39 -1.35
CA ALA D 110 23.31 -7.03 0.06
C ALA D 110 22.11 -6.24 0.58
N ASP D 111 21.30 -5.64 -0.31
CA ASP D 111 20.12 -4.86 0.08
C ASP D 111 18.83 -5.65 -0.18
N SER D 112 17.85 -5.39 0.65
CA SER D 112 16.56 -6.00 0.54
C SER D 112 15.71 -5.13 -0.38
N MET D 113 15.39 -5.62 -1.59
CA MET D 113 14.54 -4.88 -2.51
C MET D 113 13.81 -5.87 -3.43
N THR D 114 12.71 -5.41 -4.08
CA THR D 114 12.00 -6.24 -5.04
C THR D 114 12.60 -5.93 -6.41
N ILE D 115 12.96 -6.97 -7.18
CA ILE D 115 13.57 -6.75 -8.48
C ILE D 115 12.62 -7.05 -9.64
N SER D 116 12.89 -6.50 -10.81
CA SER D 116 12.09 -6.76 -11.99
C SER D 116 13.02 -7.29 -13.07
N VAL D 117 12.81 -8.55 -13.47
CA VAL D 117 13.66 -9.16 -14.49
C VAL D 117 12.99 -9.10 -15.82
N SER D 118 13.51 -8.27 -16.72
CA SER D 118 13.02 -8.08 -18.07
C SER D 118 13.87 -8.89 -19.04
N THR D 119 13.26 -9.53 -20.02
CA THR D 119 13.99 -10.36 -20.98
C THR D 119 13.44 -10.10 -22.34
N LYS D 120 13.97 -9.12 -23.06
CA LYS D 120 13.48 -8.79 -24.39
C LYS D 120 14.15 -9.67 -25.43
N VAL D 121 13.36 -10.34 -26.29
CA VAL D 121 13.89 -11.18 -27.36
C VAL D 121 13.88 -10.36 -28.66
N CYS D 122 15.04 -10.21 -29.34
CA CYS D 122 15.14 -9.36 -30.56
C CYS D 122 15.57 -10.08 -31.82
N SER D 123 14.98 -9.71 -32.94
CA SER D 123 15.34 -10.25 -34.25
C SER D 123 15.60 -9.05 -35.17
N PHE D 124 16.82 -8.97 -35.74
CA PHE D 124 17.23 -7.86 -36.61
C PHE D 124 17.13 -6.53 -35.89
N GLY D 125 17.65 -6.51 -34.67
CA GLY D 125 17.72 -5.33 -33.81
C GLY D 125 16.37 -4.75 -33.39
N LYS D 126 15.31 -5.57 -33.46
CA LYS D 126 13.96 -5.16 -33.11
C LYS D 126 13.34 -6.14 -32.13
N GLN D 127 12.74 -5.62 -31.07
CA GLN D 127 12.15 -6.45 -30.04
C GLN D 127 10.92 -7.12 -30.55
N VAL D 128 10.85 -8.46 -30.47
CA VAL D 128 9.69 -9.19 -30.95
C VAL D 128 8.81 -9.67 -29.82
N VAL D 129 9.41 -10.06 -28.68
CA VAL D 129 8.69 -10.53 -27.48
C VAL D 129 9.40 -10.03 -26.25
N GLU D 130 8.68 -9.89 -25.13
CA GLU D 130 9.31 -9.48 -23.87
C GLU D 130 8.63 -10.20 -22.72
N LYS D 131 9.38 -10.60 -21.68
CA LYS D 131 8.77 -11.21 -20.50
C LYS D 131 9.35 -10.57 -19.29
N VAL D 132 8.49 -9.99 -18.47
CA VAL D 132 8.85 -9.30 -17.25
C VAL D 132 8.40 -10.12 -16.04
N GLU D 133 9.27 -10.34 -15.06
CA GLU D 133 8.92 -11.09 -13.85
C GLU D 133 9.41 -10.38 -12.63
N THR D 134 8.53 -10.05 -11.70
CA THR D 134 8.96 -9.42 -10.46
C THR D 134 9.39 -10.51 -9.51
N GLU D 135 10.51 -10.30 -8.81
CA GLU D 135 11.07 -11.27 -7.91
C GLU D 135 11.31 -10.68 -6.52
N TYR D 136 10.93 -11.41 -5.49
CA TYR D 136 11.11 -10.96 -4.11
C TYR D 136 12.31 -11.67 -3.50
N ALA D 137 13.08 -10.99 -2.65
CA ALA D 137 14.24 -11.60 -2.02
C ALA D 137 13.86 -12.57 -0.87
N ARG D 138 14.82 -13.38 -0.40
CA ARG D 138 14.67 -14.29 0.72
C ARG D 138 15.97 -14.16 1.49
N LEU D 139 15.94 -13.72 2.76
CA LEU D 139 17.18 -13.57 3.53
C LEU D 139 17.87 -14.94 3.73
N GLU D 140 19.15 -15.01 3.36
CA GLU D 140 19.93 -16.24 3.39
C GLU D 140 21.40 -15.98 3.61
N ASN D 141 21.93 -16.39 4.77
CA ASN D 141 23.33 -16.19 5.15
C ASN D 141 23.75 -14.71 5.05
N GLY D 142 22.91 -13.82 5.58
CA GLY D 142 23.15 -12.38 5.55
C GLY D 142 23.05 -11.71 4.18
N ARG D 143 22.65 -12.48 3.15
CA ARG D 143 22.57 -12.08 1.75
C ARG D 143 21.18 -12.31 1.21
N PHE D 144 20.64 -11.38 0.40
CA PHE D 144 19.29 -11.50 -0.17
C PHE D 144 19.30 -12.29 -1.47
N VAL D 145 18.51 -13.36 -1.56
CA VAL D 145 18.56 -14.24 -2.72
C VAL D 145 17.28 -14.22 -3.54
N TYR D 146 17.40 -14.09 -4.87
CA TYR D 146 16.29 -14.06 -5.79
C TYR D 146 16.33 -15.33 -6.61
N ARG D 147 15.27 -16.12 -6.58
CA ARG D 147 15.22 -17.38 -7.32
C ARG D 147 14.08 -17.42 -8.32
N ILE D 148 14.42 -17.77 -9.56
CA ILE D 148 13.44 -17.91 -10.60
C ILE D 148 13.51 -19.37 -10.95
N HIS D 149 12.50 -20.13 -10.56
CA HIS D 149 12.53 -21.57 -10.79
C HIS D 149 11.55 -22.01 -11.89
N ARG D 150 12.07 -22.71 -12.89
CA ARG D 150 11.29 -23.23 -14.00
C ARG D 150 10.30 -22.24 -14.62
N SER D 151 10.78 -21.05 -15.01
CA SER D 151 9.91 -20.05 -15.64
C SER D 151 9.73 -20.50 -17.06
N PRO D 152 8.49 -20.83 -17.46
CA PRO D 152 8.30 -21.36 -18.83
C PRO D 152 8.65 -20.41 -19.96
N MET D 153 9.29 -20.95 -20.99
CA MET D 153 9.65 -20.19 -22.18
C MET D 153 8.39 -19.88 -22.92
N CYS D 154 8.34 -18.72 -23.56
CA CYS D 154 7.17 -18.37 -24.37
C CYS D 154 7.19 -19.17 -25.66
N GLU D 155 6.03 -19.37 -26.27
CA GLU D 155 5.91 -20.16 -27.49
C GLU D 155 6.76 -19.58 -28.64
N TYR D 156 7.07 -18.27 -28.61
CA TYR D 156 7.96 -17.70 -29.65
C TYR D 156 9.32 -18.40 -29.60
N MET D 157 9.84 -18.57 -28.38
CA MET D 157 11.11 -19.20 -28.15
C MET D 157 11.08 -20.68 -28.41
N ILE D 158 10.00 -21.37 -28.00
CA ILE D 158 9.88 -22.80 -28.24
C ILE D 158 9.82 -23.10 -29.73
N ASN D 159 9.08 -22.28 -30.47
CA ASN D 159 8.95 -22.42 -31.91
C ASN D 159 10.25 -22.07 -32.62
N PHE D 160 10.96 -21.05 -32.15
CA PHE D 160 12.24 -20.63 -32.72
C PHE D 160 13.27 -21.76 -32.64
N ILE D 161 13.33 -22.43 -31.48
CA ILE D 161 14.21 -23.55 -31.22
C ILE D 161 13.85 -24.74 -32.10
N HIS D 162 12.55 -25.01 -32.28
CA HIS D 162 12.10 -26.09 -33.16
C HIS D 162 12.48 -25.80 -34.59
N LYS D 163 12.30 -24.55 -35.03
CA LYS D 163 12.66 -24.11 -36.38
C LYS D 163 14.14 -24.25 -36.59
N LEU D 164 14.95 -23.95 -35.56
CA LEU D 164 16.40 -24.07 -35.63
C LEU D 164 16.77 -25.53 -35.80
N LYS D 165 16.30 -26.41 -34.90
CA LYS D 165 16.58 -27.82 -34.93
C LYS D 165 16.21 -28.47 -36.28
N HIS D 166 15.23 -27.90 -37.01
CA HIS D 166 14.84 -28.42 -38.31
C HIS D 166 15.80 -28.09 -39.43
N LEU D 167 16.84 -27.29 -39.18
CA LEU D 167 17.79 -26.93 -40.21
C LEU D 167 18.79 -28.04 -40.38
N PRO D 168 19.09 -28.43 -41.63
CA PRO D 168 20.02 -29.54 -41.86
C PRO D 168 21.51 -29.28 -41.57
N GLU D 169 21.93 -28.01 -41.49
CA GLU D 169 23.34 -27.70 -41.24
C GLU D 169 23.53 -26.76 -40.05
N LYS D 170 24.62 -26.94 -39.29
CA LYS D 170 24.88 -26.08 -38.15
C LYS D 170 25.26 -24.66 -38.55
N TYR D 171 25.81 -24.46 -39.76
CA TYR D 171 26.11 -23.11 -40.23
C TYR D 171 24.84 -22.33 -40.48
N MET D 172 23.75 -23.01 -40.89
CA MET D 172 22.47 -22.37 -41.16
C MET D 172 21.89 -21.84 -39.85
N MET D 173 22.01 -22.60 -38.75
CA MET D 173 21.54 -22.14 -37.46
C MET D 173 22.31 -20.88 -37.02
N ASN D 174 23.65 -20.91 -37.17
CA ASN D 174 24.53 -19.80 -36.81
C ASN D 174 24.30 -18.57 -37.62
N SER D 175 23.92 -18.74 -38.90
N SER D 175 23.92 -18.75 -38.90
CA SER D 175 23.63 -17.61 -39.78
CA SER D 175 23.62 -17.63 -39.79
C SER D 175 22.38 -16.92 -39.27
C SER D 175 22.38 -16.93 -39.29
N VAL D 176 21.34 -17.71 -38.92
CA VAL D 176 20.05 -17.26 -38.38
C VAL D 176 20.25 -16.56 -37.04
N LEU D 177 21.09 -17.14 -36.20
CA LEU D 177 21.40 -16.60 -34.88
C LEU D 177 22.25 -15.33 -34.94
N GLU D 178 22.82 -14.96 -36.11
CA GLU D 178 23.62 -13.73 -36.21
C GLU D 178 22.79 -12.51 -35.89
N ASN D 179 21.49 -12.54 -36.25
CA ASN D 179 20.57 -11.43 -36.02
C ASN D 179 19.47 -11.82 -35.04
N PHE D 180 19.81 -12.62 -34.03
CA PHE D 180 18.93 -12.99 -32.95
C PHE D 180 19.69 -12.74 -31.65
N THR D 181 19.18 -11.87 -30.81
CA THR D 181 19.78 -11.61 -29.51
C THR D 181 18.69 -11.61 -28.40
N ILE D 182 19.11 -11.66 -27.13
CA ILE D 182 18.22 -11.60 -25.98
C ILE D 182 18.87 -10.62 -25.00
N LEU D 183 18.17 -9.55 -24.61
CA LEU D 183 18.72 -8.59 -23.67
C LEU D 183 18.04 -8.70 -22.33
N GLN D 184 18.78 -9.04 -21.27
CA GLN D 184 18.19 -9.16 -19.94
C GLN D 184 18.48 -7.97 -19.05
N VAL D 185 17.45 -7.23 -18.64
CA VAL D 185 17.63 -6.06 -17.78
C VAL D 185 16.98 -6.23 -16.40
N VAL D 186 17.79 -6.27 -15.33
CA VAL D 186 17.26 -6.38 -13.96
C VAL D 186 17.25 -4.99 -13.37
N THR D 187 16.08 -4.52 -12.91
CA THR D 187 15.97 -3.19 -12.30
C THR D 187 15.35 -3.31 -10.90
N SER D 188 15.57 -2.30 -10.05
CA SER D 188 14.92 -2.26 -8.74
C SER D 188 13.47 -1.88 -9.07
N ARG D 189 12.49 -2.76 -8.77
CA ARG D 189 11.09 -2.53 -9.15
C ARG D 189 10.55 -1.13 -8.86
N ASP D 190 10.75 -0.65 -7.66
CA ASP D 190 10.22 0.64 -7.24
C ASP D 190 11.02 1.85 -7.75
N SER D 191 12.35 1.88 -7.55
CA SER D 191 13.16 3.02 -8.02
C SER D 191 13.42 3.04 -9.54
N GLN D 192 13.33 1.86 -10.19
CA GLN D 192 13.60 1.59 -11.61
C GLN D 192 15.08 1.76 -11.98
N GLU D 193 15.98 1.50 -11.03
CA GLU D 193 17.43 1.61 -11.22
C GLU D 193 17.94 0.39 -11.91
N THR D 194 18.84 0.54 -12.87
CA THR D 194 19.45 -0.60 -13.54
C THR D 194 20.39 -1.29 -12.57
N LEU D 195 20.11 -2.54 -12.22
CA LEU D 195 20.93 -3.34 -11.32
C LEU D 195 21.91 -4.21 -12.08
N LEU D 196 21.48 -4.77 -13.21
CA LEU D 196 22.33 -5.67 -14.00
C LEU D 196 21.77 -5.77 -15.41
N VAL D 197 22.63 -5.75 -16.43
CA VAL D 197 22.19 -5.88 -17.81
C VAL D 197 23.08 -6.90 -18.48
N ILE D 198 22.50 -7.97 -19.04
CA ILE D 198 23.28 -8.98 -19.72
C ILE D 198 22.80 -9.15 -21.15
N ALA D 199 23.66 -8.89 -22.12
CA ALA D 199 23.30 -9.07 -23.53
C ALA D 199 23.70 -10.47 -23.88
N PHE D 200 22.79 -11.25 -24.46
CA PHE D 200 23.08 -12.64 -24.82
C PHE D 200 23.18 -12.82 -26.31
N VAL D 201 24.29 -13.36 -26.79
CA VAL D 201 24.49 -13.66 -28.20
C VAL D 201 24.76 -15.15 -28.34
N PHE D 202 24.27 -15.75 -29.43
CA PHE D 202 24.29 -17.20 -29.58
C PHE D 202 24.87 -17.78 -30.85
N GLU D 203 25.40 -18.99 -30.68
CA GLU D 203 25.90 -19.87 -31.72
C GLU D 203 25.53 -21.28 -31.30
N VAL D 204 25.54 -22.24 -32.25
CA VAL D 204 25.21 -23.63 -31.93
C VAL D 204 26.50 -24.34 -31.63
N SER D 205 26.56 -25.05 -30.50
CA SER D 205 27.77 -25.75 -30.08
C SER D 205 28.01 -26.99 -30.92
N THR D 206 29.21 -27.08 -31.47
CA THR D 206 29.67 -28.25 -32.25
C THR D 206 30.62 -29.15 -31.40
N SER D 207 31.04 -28.68 -30.20
CA SER D 207 31.95 -29.31 -29.27
C SER D 207 31.36 -30.56 -28.63
N GLU D 208 32.21 -31.58 -28.44
CA GLU D 208 31.88 -32.84 -27.74
C GLU D 208 31.76 -32.61 -26.19
N HIS D 209 32.20 -31.44 -25.68
CA HIS D 209 32.06 -31.05 -24.28
C HIS D 209 30.69 -30.34 -24.00
N GLY D 210 29.74 -30.47 -24.93
CA GLY D 210 28.40 -29.89 -24.84
C GLY D 210 28.35 -28.40 -25.14
N ALA D 211 27.56 -27.69 -24.33
CA ALA D 211 27.39 -26.25 -24.46
C ALA D 211 28.54 -25.51 -23.77
N GLN D 212 28.93 -24.36 -24.33
CA GLN D 212 30.01 -23.51 -23.84
C GLN D 212 29.52 -22.08 -23.69
N HIS D 213 30.24 -21.27 -22.93
CA HIS D 213 29.91 -19.85 -22.77
C HIS D 213 31.15 -19.02 -22.51
N HIS D 214 31.07 -17.70 -22.77
CA HIS D 214 32.21 -16.81 -22.53
C HIS D 214 31.68 -15.47 -22.06
N VAL D 215 32.11 -15.00 -20.88
CA VAL D 215 31.66 -13.72 -20.34
C VAL D 215 32.59 -12.57 -20.71
N TYR D 216 32.02 -11.40 -21.04
CA TYR D 216 32.79 -10.19 -21.37
C TYR D 216 32.18 -9.00 -20.68
N LYS D 217 33.00 -8.01 -20.34
CA LYS D 217 32.49 -6.79 -19.73
C LYS D 217 32.21 -5.79 -20.87
N LEU D 218 31.04 -5.13 -20.87
CA LEU D 218 30.71 -4.17 -21.92
C LEU D 218 31.25 -2.81 -21.53
N VAL D 219 32.10 -2.24 -22.39
CA VAL D 219 32.76 -0.97 -22.12
C VAL D 219 32.56 0.07 -23.25
N LYS D 220 32.88 1.35 -23.00
CA LYS D 220 32.78 2.39 -24.02
C LYS D 220 34.13 3.11 -24.03
#